data_3B7M
#
_entry.id   3B7M
#
_cell.length_a   60.398
_cell.length_b   111.874
_cell.length_c   133.707
_cell.angle_alpha   90.00
_cell.angle_beta   90.00
_cell.angle_gamma   90.00
#
_symmetry.space_group_name_H-M   'P 21 21 21'
#
loop_
_entity.id
_entity.type
_entity.pdbx_description
1 polymer CELLULASE
2 water water
#
_entity_poly.entity_id   1
_entity_poly.type   'polypeptide(L)'
_entity_poly.pdbx_seq_one_letter_code
;STVELCGQWDTRTVAGGRYTVSNNVWGAETAQCIEVGLETGNFTITRAEHDNGNNVAAYPNIQFAIPQPRRVQELSDVRT
SWTLTPITTGRWNAAYDIFFAANPNHVTYSGDAELMIWLNKNGDVMPIGSRVATVELAGATWEVWYADNGAMNVISYVRT
TPTTSVTELDLKAFIDDAVARGYIRPEWYLLSVQTGFELFTGGAGLRSADFSVTVQ
;
_entity_poly.pdbx_strand_id   A,B,C,D
#
# COMPACT_ATOMS: atom_id res chain seq x y z
N SER A 1 13.92 -5.97 38.63
CA SER A 1 13.98 -7.30 37.97
C SER A 1 14.13 -7.18 36.44
N THR A 2 14.49 -8.30 35.80
CA THR A 2 14.76 -8.35 34.38
C THR A 2 14.03 -9.53 33.75
N VAL A 3 13.80 -9.46 32.44
CA VAL A 3 13.20 -10.60 31.70
CA VAL A 3 13.12 -10.48 31.67
C VAL A 3 13.77 -10.64 30.29
N GLU A 4 13.89 -11.86 29.77
CA GLU A 4 14.37 -12.05 28.42
C GLU A 4 13.20 -12.33 27.47
N LEU A 5 13.10 -11.52 26.42
CA LEU A 5 12.01 -11.60 25.45
C LEU A 5 12.57 -12.15 24.17
N CYS A 6 12.04 -13.28 23.72
CA CYS A 6 12.57 -13.96 22.53
C CYS A 6 11.53 -14.10 21.42
N GLY A 7 10.29 -13.69 21.72
CA GLY A 7 9.23 -13.72 20.74
C GLY A 7 9.32 -12.56 19.78
N GLN A 8 9.03 -12.87 18.52
CA GLN A 8 9.12 -11.93 17.42
C GLN A 8 8.44 -10.58 17.71
N TRP A 9 7.28 -10.62 18.38
CA TRP A 9 6.49 -9.43 18.62
C TRP A 9 6.28 -9.13 20.12
N ASP A 10 7.18 -9.68 20.96
CA ASP A 10 7.11 -9.44 22.40
C ASP A 10 7.29 -7.96 22.73
N THR A 11 6.54 -7.51 23.72
CA THR A 11 6.70 -6.16 24.25
CA THR A 11 6.65 -6.15 24.25
C THR A 11 6.49 -6.15 25.76
N ARG A 12 7.08 -5.17 26.42
CA ARG A 12 6.89 -4.94 27.86
C ARG A 12 6.79 -3.44 28.16
N THR A 13 5.87 -3.07 29.03
CA THR A 13 5.78 -1.72 29.56
CA THR A 13 5.82 -1.70 29.53
C THR A 13 6.81 -1.61 30.66
N VAL A 14 7.54 -0.50 30.71
CA VAL A 14 8.61 -0.33 31.68
C VAL A 14 8.57 1.08 32.28
N ALA A 15 9.45 1.32 33.26
CA ALA A 15 9.66 2.65 33.81
C ALA A 15 8.36 3.30 34.28
N GLY A 16 7.61 2.58 35.11
CA GLY A 16 6.38 3.09 35.71
C GLY A 16 5.30 3.35 34.69
N GLY A 17 5.32 2.57 33.61
CA GLY A 17 4.34 2.70 32.54
C GLY A 17 4.67 3.74 31.48
N ARG A 18 5.78 4.45 31.65
CA ARG A 18 6.10 5.56 30.75
C ARG A 18 6.52 5.11 29.35
N TYR A 19 7.24 4.00 29.27
CA TYR A 19 7.80 3.54 27.98
C TYR A 19 7.45 2.09 27.72
N THR A 20 7.57 1.68 26.46
CA THR A 20 7.40 0.28 26.09
CA THR A 20 7.41 0.27 26.12
C THR A 20 8.66 -0.19 25.37
N VAL A 21 9.08 -1.41 25.67
CA VAL A 21 10.24 -1.99 25.02
C VAL A 21 9.77 -3.15 24.17
N SER A 22 10.16 -3.15 22.89
CA SER A 22 9.68 -4.16 21.94
C SER A 22 10.81 -4.87 21.22
N ASN A 23 10.62 -6.17 21.02
CA ASN A 23 11.56 -6.97 20.27
C ASN A 23 11.51 -6.61 18.78
N ASN A 24 10.29 -6.47 18.24
CA ASN A 24 10.06 -5.86 16.91
C ASN A 24 10.90 -6.49 15.79
N VAL A 25 10.80 -7.80 15.65
CA VAL A 25 11.42 -8.48 14.50
C VAL A 25 10.44 -8.44 13.33
N TRP A 26 10.37 -7.30 12.66
CA TRP A 26 9.33 -7.07 11.66
C TRP A 26 9.72 -7.44 10.23
N GLY A 27 11.02 -7.60 9.96
CA GLY A 27 11.47 -7.76 8.58
C GLY A 27 12.21 -9.05 8.30
N ALA A 28 12.11 -10.00 9.23
CA ALA A 28 12.72 -11.31 9.06
C ALA A 28 12.06 -12.31 9.98
N GLU A 29 12.42 -13.59 9.83
CA GLU A 29 11.96 -14.63 10.76
C GLU A 29 13.14 -15.25 11.52
N THR A 30 14.29 -14.61 11.40
CA THR A 30 15.47 -15.02 12.15
C THR A 30 15.34 -14.65 13.63
N ALA A 31 15.94 -15.46 14.50
CA ALA A 31 15.72 -15.39 15.94
C ALA A 31 16.37 -14.18 16.61
N GLN A 32 15.74 -13.67 17.66
CA GLN A 32 16.29 -12.55 18.44
C GLN A 32 15.75 -12.54 19.85
N CYS A 33 16.62 -12.29 20.83
CA CYS A 33 16.21 -12.05 22.22
C CYS A 33 16.80 -10.75 22.76
N ILE A 34 16.03 -10.04 23.57
CA ILE A 34 16.56 -8.90 24.31
C ILE A 34 16.28 -9.12 25.81
N GLU A 35 17.24 -8.72 26.63
CA GLU A 35 17.07 -8.77 28.06
C GLU A 35 16.72 -7.38 28.54
N VAL A 36 15.57 -7.25 29.20
CA VAL A 36 15.00 -5.96 29.54
C VAL A 36 14.98 -5.74 31.05
N GLY A 37 15.47 -4.58 31.48
CA GLY A 37 15.30 -4.12 32.87
C GLY A 37 13.97 -3.42 32.97
N LEU A 38 13.07 -3.96 33.79
CA LEU A 38 11.69 -3.52 33.89
C LEU A 38 11.50 -2.16 34.57
N GLU A 39 12.45 -1.75 35.39
CA GLU A 39 12.37 -0.43 36.04
C GLU A 39 12.92 0.69 35.16
N THR A 40 14.03 0.40 34.45
CA THR A 40 14.70 1.42 33.65
C THR A 40 14.33 1.39 32.16
N GLY A 41 13.95 0.22 31.66
CA GLY A 41 13.80 0.01 30.22
C GLY A 41 15.11 -0.28 29.46
N ASN A 42 16.22 -0.31 30.20
CA ASN A 42 17.51 -0.64 29.63
C ASN A 42 17.42 -2.04 29.01
N PHE A 43 18.02 -2.23 27.84
CA PHE A 43 18.04 -3.56 27.25
C PHE A 43 19.34 -3.93 26.57
N THR A 44 19.63 -5.23 26.57
CA THR A 44 20.77 -5.80 25.88
C THR A 44 20.26 -6.81 24.89
N ILE A 45 20.73 -6.72 23.65
CA ILE A 45 20.47 -7.77 22.68
C ILE A 45 21.35 -9.00 22.99
N THR A 46 20.73 -10.07 23.47
CA THR A 46 21.46 -11.26 23.88
C THR A 46 21.56 -12.27 22.76
N ARG A 47 20.66 -12.15 21.79
CA ARG A 47 20.59 -13.06 20.65
C ARG A 47 20.11 -12.32 19.40
N ALA A 48 20.80 -12.53 18.29
CA ALA A 48 20.40 -11.93 17.02
C ALA A 48 21.04 -12.71 15.89
N GLU A 49 20.24 -13.46 15.16
CA GLU A 49 20.78 -14.34 14.13
C GLU A 49 20.46 -13.83 12.72
N HIS A 50 20.16 -12.54 12.60
CA HIS A 50 19.73 -11.95 11.35
C HIS A 50 20.81 -11.95 10.30
N ASP A 51 20.40 -12.12 9.05
CA ASP A 51 21.28 -12.11 7.91
C ASP A 51 20.52 -11.55 6.71
N ASN A 52 19.98 -10.33 6.85
CA ASN A 52 19.28 -9.67 5.75
C ASN A 52 20.23 -8.98 4.78
N GLY A 53 19.71 -8.51 3.66
CA GLY A 53 20.51 -7.77 2.69
C GLY A 53 20.41 -6.27 2.91
N ASN A 54 19.76 -5.57 1.99
CA ASN A 54 19.65 -4.11 2.08
C ASN A 54 18.50 -3.62 2.93
N ASN A 55 17.59 -4.54 3.31
CA ASN A 55 16.44 -4.20 4.14
C ASN A 55 16.60 -4.62 5.61
N VAL A 56 16.03 -3.80 6.49
CA VAL A 56 16.06 -4.02 7.93
C VAL A 56 15.40 -5.35 8.32
N ALA A 57 16.08 -6.11 9.19
CA ALA A 57 15.54 -7.34 9.75
C ALA A 57 14.67 -7.08 10.97
N ALA A 58 15.11 -6.16 11.83
CA ALA A 58 14.50 -5.95 13.12
C ALA A 58 14.86 -4.57 13.63
N TYR A 59 14.03 -4.04 14.52
CA TYR A 59 14.32 -2.77 15.18
C TYR A 59 13.86 -2.85 16.64
N PRO A 60 14.62 -3.60 17.48
CA PRO A 60 14.23 -3.64 18.90
C PRO A 60 14.39 -2.24 19.44
N ASN A 61 13.44 -1.77 20.25
CA ASN A 61 13.41 -0.35 20.58
C ASN A 61 12.72 -0.04 21.89
N ILE A 62 12.99 1.14 22.42
CA ILE A 62 12.20 1.68 23.52
C ILE A 62 11.42 2.88 23.00
N GLN A 63 10.14 2.95 23.36
CA GLN A 63 9.23 3.93 22.76
C GLN A 63 8.51 4.75 23.83
N PHE A 64 8.39 6.06 23.57
CA PHE A 64 7.50 6.93 24.33
C PHE A 64 6.36 7.32 23.39
N ALA A 65 5.15 6.88 23.72
CA ALA A 65 3.95 7.27 22.98
C ALA A 65 3.47 8.57 23.60
N ILE A 66 3.20 9.57 22.77
CA ILE A 66 2.70 10.84 23.29
C ILE A 66 1.32 10.59 23.94
N PRO A 67 1.16 11.01 25.21
CA PRO A 67 -0.05 10.67 25.97
C PRO A 67 -1.31 11.35 25.45
N GLN A 68 -1.22 12.64 25.10
CA GLN A 68 -2.35 13.38 24.52
C GLN A 68 -1.94 13.98 23.17
N PRO A 69 -2.85 13.98 22.18
CA PRO A 69 -2.51 14.40 20.80
C PRO A 69 -1.87 15.77 20.77
N ARG A 70 -0.80 15.95 20.01
CA ARG A 70 -0.15 17.24 19.95
C ARG A 70 0.43 17.54 18.59
N ARG A 71 0.00 18.67 18.02
CA ARG A 71 0.46 19.13 16.72
C ARG A 71 1.88 19.68 16.83
N VAL A 72 2.65 19.53 15.75
CA VAL A 72 4.03 20.01 15.72
C VAL A 72 4.09 21.50 16.10
N GLN A 73 3.17 22.27 15.54
CA GLN A 73 3.08 23.70 15.84
C GLN A 73 2.76 24.02 17.30
N GLU A 74 2.29 23.04 18.07
CA GLU A 74 1.95 23.25 19.47
C GLU A 74 3.09 22.94 20.43
N LEU A 75 4.16 22.34 19.92
CA LEU A 75 5.30 21.93 20.76
C LEU A 75 6.19 23.11 21.11
N SER A 76 6.68 23.13 22.35
CA SER A 76 7.64 24.15 22.74
C SER A 76 9.02 23.55 23.01
N ASP A 77 9.05 22.34 23.55
CA ASP A 77 10.33 21.71 23.92
C ASP A 77 10.25 20.19 23.78
N VAL A 78 11.18 19.62 23.03
CA VAL A 78 11.31 18.16 22.94
C VAL A 78 12.77 17.78 23.21
N ARG A 79 13.00 17.06 24.30
CA ARG A 79 14.35 16.68 24.71
C ARG A 79 14.45 15.18 24.91
N THR A 80 15.66 14.64 24.74
CA THR A 80 15.91 13.23 24.95
C THR A 80 17.37 12.96 25.36
N SER A 81 17.54 11.95 26.21
CA SER A 81 18.87 11.40 26.51
C SER A 81 18.92 9.90 26.24
N TRP A 82 20.11 9.39 25.91
CA TRP A 82 20.27 7.99 25.60
C TRP A 82 21.75 7.62 25.61
N THR A 83 22.06 6.41 26.07
CA THR A 83 23.41 5.89 25.95
C THR A 83 23.35 4.52 25.31
N LEU A 84 24.14 4.33 24.25
CA LEU A 84 24.24 3.03 23.62
C LEU A 84 25.64 2.47 23.83
N THR A 85 25.73 1.14 23.72
CA THR A 85 26.99 0.44 23.80
C THR A 85 27.14 -0.28 22.46
N PRO A 86 28.09 0.17 21.63
CA PRO A 86 28.24 -0.43 20.29
C PRO A 86 28.99 -1.76 20.35
N ILE A 87 28.93 -2.52 19.26
CA ILE A 87 29.77 -3.71 19.10
C ILE A 87 30.66 -3.50 17.88
N THR A 88 31.66 -4.37 17.69
CA THR A 88 32.61 -4.23 16.60
C THR A 88 32.20 -5.02 15.37
N THR A 89 31.10 -5.78 15.46
CA THR A 89 30.69 -6.66 14.36
C THR A 89 29.27 -6.38 13.89
N GLY A 90 28.91 -6.99 12.76
CA GLY A 90 27.55 -6.99 12.23
C GLY A 90 27.24 -5.77 11.39
N ARG A 91 26.00 -5.69 10.93
CA ARG A 91 25.54 -4.54 10.17
C ARG A 91 24.30 -4.07 10.88
N TRP A 92 24.37 -2.86 11.43
CA TRP A 92 23.32 -2.31 12.29
C TRP A 92 23.48 -0.80 12.37
N ASN A 93 22.43 -0.10 12.80
CA ASN A 93 22.57 1.29 13.21
C ASN A 93 21.99 1.52 14.60
N ALA A 94 22.33 2.65 15.19
CA ALA A 94 21.70 3.09 16.42
C ALA A 94 20.96 4.38 16.05
N ALA A 95 19.63 4.35 16.11
CA ALA A 95 18.84 5.40 15.49
C ALA A 95 17.56 5.68 16.25
N TYR A 96 17.27 6.96 16.44
CA TYR A 96 15.92 7.41 16.79
C TYR A 96 14.97 7.29 15.62
N ASP A 97 13.69 7.04 15.93
CA ASP A 97 12.62 7.02 14.94
C ASP A 97 11.44 7.81 15.53
N ILE A 98 11.04 8.87 14.84
CA ILE A 98 9.96 9.74 15.30
C ILE A 98 8.84 9.76 14.26
N PHE A 99 7.61 9.48 14.70
CA PHE A 99 6.49 9.38 13.74
C PHE A 99 5.48 10.51 13.83
N PHE A 100 5.11 11.03 12.65
CA PHE A 100 4.14 12.11 12.51
C PHE A 100 3.01 11.65 11.61
N ALA A 101 1.79 12.10 11.93
CA ALA A 101 0.64 11.82 11.07
C ALA A 101 -0.31 13.02 11.04
N ALA A 102 -0.90 13.25 9.87
CA ALA A 102 -1.93 14.27 9.75
C ALA A 102 -3.14 13.90 10.60
N ASN A 103 -3.47 12.63 10.62
CA ASN A 103 -4.70 12.16 11.22
C ASN A 103 -4.44 11.03 12.20
N PRO A 104 -4.52 11.32 13.52
CA PRO A 104 -4.25 10.28 14.54
C PRO A 104 -5.28 9.16 14.48
N ASN A 105 -6.35 9.40 13.72
CA ASN A 105 -7.49 8.50 13.64
C ASN A 105 -7.61 7.71 12.32
N HIS A 106 -6.70 7.97 11.38
CA HIS A 106 -6.71 7.26 10.09
C HIS A 106 -5.45 7.54 9.29
N VAL A 107 -4.88 6.49 8.69
CA VAL A 107 -3.75 6.64 7.79
C VAL A 107 -4.06 7.69 6.72
N THR A 108 -3.08 8.55 6.43
CA THR A 108 -3.25 9.59 5.43
C THR A 108 -2.09 9.46 4.42
N TYR A 109 -2.44 9.11 3.18
CA TYR A 109 -1.43 8.97 2.13
C TYR A 109 -0.66 10.27 1.93
N SER A 110 0.67 10.18 1.97
CA SER A 110 1.53 11.35 1.80
C SER A 110 1.35 12.34 2.98
N GLY A 111 0.58 11.92 3.99
CA GLY A 111 0.29 12.74 5.16
C GLY A 111 0.81 12.11 6.44
N ASP A 112 1.88 11.33 6.27
CA ASP A 112 2.54 10.58 7.31
C ASP A 112 4.05 10.71 7.08
N ALA A 113 4.82 10.83 8.16
CA ALA A 113 6.26 10.96 8.06
C ALA A 113 7.00 10.23 9.18
N GLU A 114 8.23 9.89 8.85
CA GLU A 114 9.12 9.20 9.76
C GLU A 114 10.41 9.99 9.77
N LEU A 115 10.81 10.47 10.94
CA LEU A 115 12.07 11.19 11.09
C LEU A 115 13.05 10.37 11.93
N MET A 116 14.18 10.06 11.31
CA MET A 116 15.24 9.26 11.93
C MET A 116 16.48 10.10 12.26
N ILE A 117 17.12 9.75 13.37
CA ILE A 117 18.37 10.38 13.76
C ILE A 117 19.34 9.27 14.06
N TRP A 118 20.35 9.14 13.22
CA TRP A 118 21.35 8.09 13.33
C TRP A 118 22.54 8.62 14.11
N LEU A 119 22.87 7.93 15.19
CA LEU A 119 23.97 8.32 16.06
C LEU A 119 25.23 7.49 15.83
N ASN A 120 25.04 6.26 15.35
CA ASN A 120 26.14 5.32 15.16
C ASN A 120 25.71 4.22 14.22
N LYS A 121 26.67 3.49 13.69
CA LYS A 121 26.45 2.31 12.85
C LYS A 121 27.72 1.49 12.71
N ASN A 122 27.57 0.29 12.16
CA ASN A 122 28.70 -0.55 11.76
C ASN A 122 28.36 -1.26 10.44
N GLY A 123 29.38 -1.44 9.61
CA GLY A 123 29.19 -2.06 8.30
C GLY A 123 28.68 -1.05 7.31
N ASP A 124 28.26 -1.54 6.15
CA ASP A 124 28.02 -0.69 4.99
C ASP A 124 26.62 -0.07 4.93
N VAL A 125 25.92 0.03 6.06
CA VAL A 125 24.50 0.40 6.03
C VAL A 125 24.24 1.88 5.77
N MET A 126 23.30 2.16 4.88
CA MET A 126 22.90 3.54 4.57
C MET A 126 21.40 3.80 4.70
N PRO A 127 20.99 5.07 4.84
CA PRO A 127 19.58 5.39 4.98
C PRO A 127 18.77 5.09 3.72
N ILE A 128 17.45 5.07 3.89
CA ILE A 128 16.56 5.01 2.75
C ILE A 128 16.40 6.45 2.24
N GLY A 129 16.72 6.66 0.97
CA GLY A 129 16.53 7.98 0.35
C GLY A 129 17.75 8.50 -0.37
N SER A 130 17.65 9.76 -0.79
CA SER A 130 18.70 10.47 -1.50
CA SER A 130 18.76 10.45 -1.44
C SER A 130 19.35 11.47 -0.50
N ARG A 131 20.66 11.63 -0.60
CA ARG A 131 21.39 12.59 0.24
C ARG A 131 21.19 14.01 -0.30
N VAL A 132 20.56 14.88 0.49
CA VAL A 132 20.11 16.18 -0.03
C VAL A 132 20.85 17.39 0.52
N ALA A 133 21.47 17.26 1.69
CA ALA A 133 22.09 18.40 2.35
C ALA A 133 22.97 17.99 3.53
N THR A 134 23.66 18.99 4.07
CA THR A 134 24.36 18.89 5.33
C THR A 134 23.88 20.07 6.15
N VAL A 135 23.68 19.85 7.44
CA VAL A 135 23.17 20.90 8.32
C VAL A 135 23.87 20.84 9.68
N GLU A 136 24.00 22.00 10.31
CA GLU A 136 24.49 22.09 11.67
C GLU A 136 23.29 22.20 12.62
N LEU A 137 23.12 21.22 13.49
CA LEU A 137 22.01 21.21 14.46
C LEU A 137 22.50 20.62 15.76
N ALA A 138 22.05 21.18 16.86
CA ALA A 138 22.25 20.62 18.20
C ALA A 138 23.72 20.30 18.52
N GLY A 139 24.62 21.19 18.11
CA GLY A 139 26.03 21.07 18.45
C GLY A 139 26.82 20.14 17.53
N ALA A 140 26.18 19.67 16.46
CA ALA A 140 26.85 18.75 15.55
C ALA A 140 26.41 18.90 14.11
N THR A 141 27.16 18.22 13.23
CA THR A 141 26.92 18.21 11.80
C THR A 141 26.19 16.92 11.41
N TRP A 142 25.22 17.04 10.50
CA TRP A 142 24.36 15.92 10.11
C TRP A 142 24.18 15.91 8.60
N GLU A 143 24.26 14.73 7.98
CA GLU A 143 23.82 14.56 6.61
C GLU A 143 22.30 14.37 6.63
N VAL A 144 21.62 14.98 5.67
CA VAL A 144 20.19 14.88 5.56
C VAL A 144 19.89 14.00 4.36
N TRP A 145 19.07 12.98 4.59
CA TRP A 145 18.63 12.06 3.54
C TRP A 145 17.12 12.17 3.47
N TYR A 146 16.59 12.08 2.26
CA TYR A 146 15.15 12.19 2.06
C TYR A 146 14.64 11.16 1.06
N ALA A 147 13.53 10.50 1.44
CA ALA A 147 12.85 9.54 0.60
C ALA A 147 11.38 9.89 0.53
N ASP A 148 10.89 9.99 -0.71
CA ASP A 148 9.47 10.12 -0.95
C ASP A 148 9.02 8.86 -1.68
N ASN A 149 9.00 7.75 -0.96
CA ASN A 149 8.61 6.47 -1.56
C ASN A 149 7.18 6.47 -2.09
N GLY A 150 6.23 6.85 -1.23
CA GLY A 150 4.85 7.00 -1.63
C GLY A 150 3.99 7.48 -0.48
N ALA A 151 3.52 6.53 0.32
CA ALA A 151 2.59 6.80 1.42
C ALA A 151 3.23 7.64 2.52
N MET A 152 4.56 7.54 2.64
CA MET A 152 5.28 8.08 3.79
C MET A 152 6.64 8.68 3.42
N ASN A 153 6.86 9.93 3.80
CA ASN A 153 8.19 10.55 3.77
C ASN A 153 9.10 9.96 4.85
N VAL A 154 10.33 9.63 4.49
CA VAL A 154 11.37 9.29 5.46
C VAL A 154 12.48 10.34 5.39
N ILE A 155 12.72 11.01 6.52
CA ILE A 155 13.79 12.00 6.65
C ILE A 155 14.78 11.45 7.65
N SER A 156 16.04 11.31 7.25
CA SER A 156 17.08 10.78 8.13
C SER A 156 18.21 11.77 8.28
N TYR A 157 18.60 12.02 9.54
CA TYR A 157 19.76 12.84 9.88
C TYR A 157 20.83 11.90 10.41
N VAL A 158 21.99 11.92 9.76
CA VAL A 158 23.08 10.99 10.10
C VAL A 158 24.26 11.82 10.60
N ARG A 159 24.57 11.67 11.89
CA ARG A 159 25.70 12.34 12.51
C ARG A 159 27.00 12.02 11.80
N THR A 160 27.70 13.04 11.32
CA THR A 160 28.97 12.80 10.60
C THR A 160 30.06 12.33 11.54
N THR A 161 29.96 12.70 12.82
CA THR A 161 30.79 12.05 13.83
C THR A 161 29.99 11.14 14.76
N PRO A 162 30.23 9.82 14.67
CA PRO A 162 29.48 8.83 15.45
C PRO A 162 29.67 9.06 16.94
N THR A 163 28.67 8.71 17.73
CA THR A 163 28.73 8.91 19.18
C THR A 163 27.98 7.78 19.86
N THR A 164 28.07 7.73 21.19
CA THR A 164 27.39 6.69 21.95
C THR A 164 26.50 7.27 23.02
N SER A 165 26.38 8.59 23.05
CA SER A 165 25.71 9.22 24.17
C SER A 165 25.18 10.59 23.78
N VAL A 166 23.91 10.84 24.04
CA VAL A 166 23.38 12.20 23.92
C VAL A 166 22.65 12.55 25.20
N THR A 167 22.80 13.79 25.65
CA THR A 167 22.09 14.26 26.84
CA THR A 167 22.12 14.27 26.85
C THR A 167 21.37 15.57 26.55
N GLU A 168 20.07 15.56 26.81
CA GLU A 168 19.21 16.70 26.53
C GLU A 168 19.33 17.13 25.07
N LEU A 169 19.41 16.16 24.17
CA LEU A 169 19.40 16.45 22.74
C LEU A 169 18.09 17.16 22.38
N ASP A 170 18.21 18.23 21.61
CA ASP A 170 17.05 19.04 21.26
C ASP A 170 16.38 18.44 20.02
N LEU A 171 15.37 17.60 20.21
CA LEU A 171 14.70 16.97 19.07
C LEU A 171 13.91 17.97 18.23
N LYS A 172 13.47 19.05 18.86
CA LYS A 172 12.70 20.09 18.18
C LYS A 172 13.51 20.80 17.08
N ALA A 173 14.83 20.94 17.30
CA ALA A 173 15.72 21.49 16.26
C ALA A 173 15.61 20.70 14.95
N PHE A 174 15.57 19.37 15.05
CA PHE A 174 15.43 18.49 13.89
C PHE A 174 14.03 18.64 13.26
N ILE A 175 13.01 18.63 14.10
CA ILE A 175 11.63 18.83 13.66
C ILE A 175 11.49 20.16 12.89
N ASP A 176 12.00 21.24 13.48
CA ASP A 176 11.98 22.59 12.87
C ASP A 176 12.71 22.63 11.54
N ASP A 177 13.81 21.88 11.44
CA ASP A 177 14.57 21.82 10.19
C ASP A 177 13.77 21.10 9.10
N ALA A 178 13.17 19.97 9.43
CA ALA A 178 12.35 19.22 8.46
C ALA A 178 11.12 20.03 8.03
N VAL A 179 10.56 20.80 8.97
CA VAL A 179 9.50 21.76 8.64
C VAL A 179 9.99 22.82 7.63
N ALA A 180 11.16 23.39 7.89
CA ALA A 180 11.77 24.38 6.97
C ALA A 180 11.98 23.82 5.57
N ARG A 181 12.24 22.51 5.49
CA ARG A 181 12.48 21.86 4.20
C ARG A 181 11.23 21.41 3.45
N GLY A 182 10.07 21.51 4.10
CA GLY A 182 8.79 21.14 3.52
C GLY A 182 8.38 19.69 3.74
N TYR A 183 9.22 18.94 4.46
CA TYR A 183 9.01 17.50 4.64
C TYR A 183 7.96 17.16 5.70
N ILE A 184 7.80 18.04 6.69
CA ILE A 184 6.81 17.88 7.75
C ILE A 184 5.92 19.13 7.78
N ARG A 185 4.61 18.91 7.90
CA ARG A 185 3.66 19.99 8.03
C ARG A 185 3.48 20.31 9.51
N PRO A 186 3.41 21.62 9.85
CA PRO A 186 3.22 22.11 11.23
C PRO A 186 1.94 21.61 11.90
N GLU A 187 0.91 21.32 11.08
CA GLU A 187 -0.37 20.80 11.57
C GLU A 187 -0.37 19.30 11.84
N TRP A 188 0.68 18.60 11.42
CA TRP A 188 0.77 17.17 11.70
C TRP A 188 0.98 16.91 13.18
N TYR A 189 0.49 15.77 13.65
CA TYR A 189 0.66 15.39 15.04
C TYR A 189 1.94 14.59 15.22
N LEU A 190 2.64 14.83 16.32
CA LEU A 190 3.74 14.01 16.78
C LEU A 190 3.16 12.84 17.57
N LEU A 191 3.34 11.62 17.07
CA LEU A 191 2.73 10.44 17.67
C LEU A 191 3.60 9.71 18.69
N SER A 192 4.87 9.51 18.35
CA SER A 192 5.76 8.76 19.22
C SER A 192 7.23 9.06 18.95
N VAL A 193 8.06 8.75 19.94
CA VAL A 193 9.51 8.87 19.84
C VAL A 193 10.07 7.55 20.28
N GLN A 194 10.85 6.91 19.41
CA GLN A 194 11.50 5.65 19.73
C GLN A 194 12.99 5.77 19.52
N THR A 195 13.77 4.95 20.24
CA THR A 195 15.15 4.73 19.85
C THR A 195 15.51 3.25 20.03
N GLY A 196 16.51 2.81 19.28
CA GLY A 196 16.99 1.44 19.36
C GLY A 196 17.93 1.16 18.20
N PHE A 197 17.99 -0.10 17.78
CA PHE A 197 18.95 -0.52 16.80
C PHE A 197 18.23 -1.17 15.61
N GLU A 198 18.46 -0.63 14.41
CA GLU A 198 18.00 -1.30 13.19
C GLU A 198 19.04 -2.37 12.87
N LEU A 199 18.62 -3.64 12.91
CA LEU A 199 19.52 -4.77 12.69
C LEU A 199 19.43 -5.29 11.26
N PHE A 200 20.58 -5.47 10.64
CA PHE A 200 20.63 -6.07 9.30
C PHE A 200 21.26 -7.45 9.41
N THR A 201 22.47 -7.52 9.93
CA THR A 201 23.11 -8.80 10.23
C THR A 201 23.70 -8.80 11.64
N GLY A 202 23.37 -9.82 12.43
CA GLY A 202 23.90 -9.91 13.79
C GLY A 202 23.26 -8.87 14.67
N GLY A 203 24.03 -8.35 15.62
CA GLY A 203 23.52 -7.38 16.59
C GLY A 203 23.68 -7.77 18.05
N ALA A 204 24.06 -9.02 18.32
CA ALA A 204 24.19 -9.47 19.71
C ALA A 204 25.26 -8.69 20.47
N GLY A 205 24.91 -8.20 21.65
CA GLY A 205 25.83 -7.45 22.49
C GLY A 205 25.55 -5.96 22.50
N LEU A 206 24.74 -5.46 21.56
CA LEU A 206 24.33 -4.07 21.58
C LEU A 206 23.51 -3.77 22.84
N ARG A 207 23.72 -2.60 23.43
CA ARG A 207 23.01 -2.25 24.66
C ARG A 207 22.37 -0.85 24.55
N SER A 208 21.15 -0.73 25.07
CA SER A 208 20.47 0.54 25.16
C SER A 208 20.27 0.85 26.64
N ALA A 209 20.60 2.08 27.04
CA ALA A 209 20.50 2.47 28.46
C ALA A 209 20.15 3.93 28.63
N ASP A 210 19.60 4.23 29.80
CA ASP A 210 19.41 5.61 30.29
C ASP A 210 18.50 6.43 29.38
N PHE A 211 17.47 5.81 28.81
CA PHE A 211 16.59 6.53 27.91
C PHE A 211 15.64 7.45 28.67
N SER A 212 15.46 8.64 28.10
CA SER A 212 14.57 9.64 28.65
C SER A 212 14.01 10.50 27.52
N VAL A 213 12.72 10.82 27.56
CA VAL A 213 12.13 11.79 26.61
C VAL A 213 11.19 12.77 27.32
N THR A 214 11.35 14.05 27.02
CA THR A 214 10.50 15.09 27.57
C THR A 214 9.79 15.78 26.43
N VAL A 215 8.46 15.84 26.49
CA VAL A 215 7.69 16.52 25.45
C VAL A 215 6.79 17.57 26.10
N GLN A 216 7.12 18.85 25.87
CA GLN A 216 6.36 19.98 26.38
C GLN A 216 5.85 20.85 25.24
N SER B 1 -18.21 21.91 29.94
CA SER B 1 -18.18 22.77 28.73
C SER B 1 -18.08 21.94 27.45
N THR B 2 -18.55 22.52 26.34
CA THR B 2 -18.51 21.88 25.04
C THR B 2 -17.64 22.70 24.08
N VAL B 3 -17.02 22.03 23.12
CA VAL B 3 -16.26 22.70 22.08
C VAL B 3 -16.69 22.19 20.71
N GLU B 4 -16.64 23.05 19.70
CA GLU B 4 -16.97 22.64 18.35
C GLU B 4 -15.71 22.41 17.54
N LEU B 5 -15.60 21.21 16.96
CA LEU B 5 -14.46 20.88 16.10
C LEU B 5 -14.94 20.84 14.65
N CYS B 6 -14.34 21.66 13.79
CA CYS B 6 -14.72 21.67 12.38
C CYS B 6 -13.56 21.32 11.45
N GLY B 7 -12.37 21.18 12.01
CA GLY B 7 -11.21 20.77 11.23
C GLY B 7 -11.26 19.31 10.85
N GLN B 8 -10.83 19.01 9.63
CA GLN B 8 -10.82 17.68 9.07
C GLN B 8 -10.23 16.62 10.03
N TRP B 9 -9.16 17.00 10.71
CA TRP B 9 -8.40 16.06 11.53
C TRP B 9 -8.34 16.47 13.01
N ASP B 10 -9.30 17.30 13.43
CA ASP B 10 -9.38 17.74 14.80
C ASP B 10 -9.64 16.56 15.73
N THR B 11 -9.04 16.66 16.93
CA THR B 11 -9.27 15.68 17.97
CA THR B 11 -9.21 15.67 17.98
C THR B 11 -9.25 16.37 19.33
N ARG B 12 -9.88 15.74 20.31
CA ARG B 12 -9.92 16.28 21.66
C ARG B 12 -9.89 15.13 22.65
N THR B 13 -9.05 15.30 23.67
CA THR B 13 -9.01 14.42 24.82
C THR B 13 -10.18 14.76 25.72
N VAL B 14 -10.92 13.74 26.15
CA VAL B 14 -12.10 13.92 26.98
C VAL B 14 -12.11 12.94 28.17
N ALA B 15 -13.04 13.17 29.10
CA ALA B 15 -13.26 12.30 30.27
C ALA B 15 -11.99 12.04 31.09
N GLY B 16 -11.29 13.13 31.40
CA GLY B 16 -10.08 13.06 32.21
C GLY B 16 -8.89 12.54 31.43
N GLY B 17 -9.12 12.15 30.18
CA GLY B 17 -8.05 11.65 29.32
C GLY B 17 -8.24 10.19 28.99
N ARG B 18 -9.36 9.61 29.43
CA ARG B 18 -9.64 8.19 29.18
C ARG B 18 -9.98 7.93 27.71
N TYR B 19 -10.63 8.90 27.07
CA TYR B 19 -11.04 8.79 25.67
C TYR B 19 -10.52 9.94 24.83
N THR B 20 -10.55 9.71 23.52
CA THR B 20 -10.28 10.73 22.51
C THR B 20 -11.47 10.77 21.55
N VAL B 21 -11.98 11.96 21.25
CA VAL B 21 -13.01 12.15 20.24
C VAL B 21 -12.39 12.80 19.02
N SER B 22 -12.61 12.23 17.83
CA SER B 22 -12.05 12.78 16.58
C SER B 22 -13.08 13.05 15.50
N ASN B 23 -12.87 14.13 14.75
CA ASN B 23 -13.70 14.47 13.60
C ASN B 23 -13.51 13.44 12.48
N ASN B 24 -12.24 13.14 12.19
CA ASN B 24 -11.86 12.03 11.33
C ASN B 24 -12.56 12.01 9.95
N VAL B 25 -12.46 13.12 9.22
CA VAL B 25 -12.98 13.19 7.84
C VAL B 25 -11.87 12.68 6.90
N TRP B 26 -11.75 11.36 6.79
CA TRP B 26 -10.59 10.79 6.09
C TRP B 26 -10.86 10.44 4.63
N GLY B 27 -12.13 10.28 4.27
CA GLY B 27 -12.47 9.81 2.95
C GLY B 27 -13.05 10.87 2.03
N ALA B 28 -12.89 12.13 2.39
CA ALA B 28 -13.49 13.23 1.63
C ALA B 28 -12.93 14.56 2.12
N GLU B 29 -13.20 15.61 1.36
CA GLU B 29 -12.79 16.96 1.77
CA GLU B 29 -12.80 16.97 1.73
C GLU B 29 -14.00 17.83 2.08
N THR B 30 -15.17 17.21 2.13
CA THR B 30 -16.43 17.90 2.45
C THR B 30 -16.53 18.28 3.94
N ALA B 31 -17.30 19.31 4.23
CA ALA B 31 -17.34 19.91 5.55
C ALA B 31 -18.04 19.05 6.61
N GLN B 32 -17.51 19.11 7.83
CA GLN B 32 -18.11 18.47 8.98
C GLN B 32 -17.71 19.17 10.28
N CYS B 33 -18.68 19.36 11.18
CA CYS B 33 -18.41 19.87 12.54
C CYS B 33 -19.06 18.94 13.56
N ILE B 34 -18.36 18.71 14.65
CA ILE B 34 -18.95 18.03 15.79
C ILE B 34 -18.83 18.91 17.02
N GLU B 35 -19.80 18.77 17.93
CA GLU B 35 -19.79 19.51 19.19
C GLU B 35 -19.61 18.48 20.29
N VAL B 36 -18.52 18.59 21.04
CA VAL B 36 -18.10 17.56 22.01
C VAL B 36 -18.12 18.06 23.45
N GLY B 37 -18.76 17.29 24.33
CA GLY B 37 -18.70 17.53 25.78
C GLY B 37 -17.41 17.00 26.38
N LEU B 38 -16.60 17.91 26.93
CA LEU B 38 -15.24 17.57 27.38
C LEU B 38 -15.15 16.62 28.57
N GLU B 39 -16.22 16.52 29.36
CA GLU B 39 -16.17 15.64 30.50
C GLU B 39 -16.78 14.26 30.25
N THR B 40 -17.65 14.16 29.25
CA THR B 40 -18.38 12.93 28.98
C THR B 40 -17.92 12.27 27.70
N GLY B 41 -17.41 13.09 26.78
CA GLY B 41 -17.09 12.65 25.44
C GLY B 41 -18.33 12.56 24.55
N ASN B 42 -19.48 13.00 25.07
CA ASN B 42 -20.71 13.03 24.28
C ASN B 42 -20.51 13.95 23.11
N PHE B 43 -21.01 13.57 21.94
CA PHE B 43 -20.90 14.47 20.77
C PHE B 43 -22.07 14.45 19.81
N THR B 44 -22.32 15.60 19.20
CA THR B 44 -23.35 15.74 18.19
C THR B 44 -22.72 16.22 16.89
N ILE B 45 -23.12 15.61 15.79
CA ILE B 45 -22.72 16.05 14.47
C ILE B 45 -23.61 17.20 14.08
N THR B 46 -23.03 18.40 14.04
CA THR B 46 -23.84 19.60 13.84
C THR B 46 -23.90 20.02 12.38
N ARG B 47 -22.84 19.72 11.63
CA ARG B 47 -22.80 19.97 10.19
C ARG B 47 -22.11 18.77 9.54
N ALA B 48 -22.64 18.32 8.41
CA ALA B 48 -22.01 17.27 7.61
C ALA B 48 -22.49 17.41 6.18
N GLU B 49 -21.58 17.82 5.30
CA GLU B 49 -21.92 18.10 3.91
C GLU B 49 -21.54 16.97 2.96
N HIS B 50 -21.37 15.76 3.48
CA HIS B 50 -20.81 14.66 2.70
C HIS B 50 -21.76 14.18 1.59
N ASP B 51 -21.16 13.82 0.45
CA ASP B 51 -21.91 13.32 -0.72
C ASP B 51 -20.99 12.29 -1.42
N ASN B 52 -20.62 11.26 -0.68
CA ASN B 52 -19.79 10.17 -1.18
C ASN B 52 -20.65 9.06 -1.79
N GLY B 53 -20.01 8.18 -2.56
CA GLY B 53 -20.68 7.05 -3.18
C GLY B 53 -20.67 5.82 -2.29
N ASN B 54 -19.92 4.79 -2.71
CA ASN B 54 -19.84 3.50 -2.00
C ASN B 54 -18.77 3.44 -0.91
N ASN B 55 -17.99 4.52 -0.78
CA ASN B 55 -16.91 4.57 0.20
C ASN B 55 -17.17 5.64 1.27
N VAL B 56 -16.73 5.33 2.49
CA VAL B 56 -16.92 6.17 3.67
C VAL B 56 -16.28 7.55 3.48
N ALA B 57 -17.04 8.60 3.81
CA ALA B 57 -16.52 9.98 3.83
C ALA B 57 -15.76 10.28 5.11
N ALA B 58 -16.32 9.85 6.23
CA ALA B 58 -15.82 10.25 7.54
C ALA B 58 -16.28 9.27 8.56
N TYR B 59 -15.55 9.20 9.67
CA TYR B 59 -15.98 8.36 10.77
C TYR B 59 -15.68 9.10 12.08
N PRO B 60 -16.51 10.12 12.41
CA PRO B 60 -16.37 10.78 13.71
C PRO B 60 -16.59 9.75 14.80
N ASN B 61 -15.71 9.73 15.80
CA ASN B 61 -15.68 8.62 16.72
C ASN B 61 -15.13 9.00 18.08
N ILE B 62 -15.50 8.22 19.10
CA ILE B 62 -14.84 8.27 20.39
C ILE B 62 -14.05 6.96 20.55
N GLN B 63 -12.83 7.07 21.03
CA GLN B 63 -11.88 5.96 21.04
C GLN B 63 -11.30 5.72 22.42
N PHE B 64 -11.18 4.45 22.78
CA PHE B 64 -10.41 4.02 23.92
C PHE B 64 -9.20 3.24 23.38
N ALA B 65 -8.01 3.79 23.61
CA ALA B 65 -6.77 3.07 23.32
C ALA B 65 -6.40 2.27 24.56
N ILE B 66 -6.12 0.96 24.37
CA ILE B 66 -5.72 0.09 25.47
C ILE B 66 -4.39 0.62 26.03
N PRO B 67 -4.36 0.95 27.34
CA PRO B 67 -3.20 1.65 27.89
C PRO B 67 -1.94 0.79 27.87
N GLN B 68 -2.10 -0.50 28.12
CA GLN B 68 -0.98 -1.43 28.08
C GLN B 68 -1.30 -2.63 27.20
N PRO B 69 -0.34 -3.00 26.32
CA PRO B 69 -0.43 -4.12 25.37
C PRO B 69 -1.06 -5.38 25.94
N ARG B 70 -2.15 -5.83 25.33
CA ARG B 70 -2.77 -7.10 25.73
C ARG B 70 -3.12 -8.00 24.54
N ARG B 71 -2.61 -9.24 24.59
CA ARG B 71 -2.96 -10.25 23.60
C ARG B 71 -4.40 -10.73 23.79
N VAL B 72 -5.04 -11.12 22.69
CA VAL B 72 -6.43 -11.59 22.71
C VAL B 72 -6.60 -12.78 23.67
N GLN B 73 -5.64 -13.71 23.64
CA GLN B 73 -5.64 -14.88 24.53
C GLN B 73 -5.62 -14.52 26.02
N GLU B 74 -5.14 -13.33 26.36
CA GLU B 74 -5.03 -12.88 27.75
C GLU B 74 -6.28 -12.16 28.25
N LEU B 75 -7.25 -11.91 27.36
CA LEU B 75 -8.46 -11.17 27.75
C LEU B 75 -9.42 -12.08 28.47
N SER B 76 -10.10 -11.55 29.48
CA SER B 76 -11.14 -12.32 30.16
C SER B 76 -12.47 -11.60 30.11
N ASP B 77 -12.45 -10.27 29.95
CA ASP B 77 -13.70 -9.51 29.87
C ASP B 77 -13.56 -8.18 29.12
N VAL B 78 -14.35 -8.01 28.07
CA VAL B 78 -14.42 -6.76 27.32
C VAL B 78 -15.89 -6.39 27.18
N ARG B 79 -16.27 -5.27 27.79
CA ARG B 79 -17.67 -4.83 27.84
C ARG B 79 -17.76 -3.36 27.44
N THR B 80 -18.89 -2.98 26.86
CA THR B 80 -19.10 -1.61 26.44
C THR B 80 -20.55 -1.20 26.59
N SER B 81 -20.76 0.10 26.75
CA SER B 81 -22.07 0.70 26.73
C SER B 81 -22.04 1.96 25.85
N TRP B 82 -23.16 2.21 25.16
CA TRP B 82 -23.24 3.35 24.25
C TRP B 82 -24.71 3.68 23.97
N THR B 83 -25.02 4.97 23.83
CA THR B 83 -26.33 5.42 23.40
C THR B 83 -26.22 6.32 22.19
N LEU B 84 -26.93 5.96 21.12
CA LEU B 84 -26.92 6.76 19.89
C LEU B 84 -28.28 7.41 19.64
N THR B 85 -28.29 8.58 19.03
CA THR B 85 -29.53 9.20 18.58
C THR B 85 -29.55 9.18 17.04
N PRO B 86 -30.40 8.31 16.46
CA PRO B 86 -30.36 8.17 15.01
C PRO B 86 -31.03 9.35 14.31
N ILE B 87 -30.85 9.44 13.00
CA ILE B 87 -31.60 10.37 12.17
C ILE B 87 -32.29 9.56 11.09
N THR B 88 -33.21 10.18 10.35
CA THR B 88 -33.99 9.42 9.37
C THR B 88 -33.64 9.75 7.90
N THR B 89 -32.68 10.65 7.71
CA THR B 89 -32.17 10.99 6.37
C THR B 89 -30.70 10.59 6.25
N GLY B 90 -30.17 10.66 5.03
CA GLY B 90 -28.76 10.40 4.74
C GLY B 90 -28.38 8.93 4.65
N ARG B 91 -27.08 8.69 4.48
CA ARG B 91 -26.51 7.36 4.39
C ARG B 91 -25.34 7.29 5.35
N TRP B 92 -25.45 6.39 6.32
CA TRP B 92 -24.54 6.33 7.47
C TRP B 92 -24.82 5.05 8.23
N ASN B 93 -23.86 4.63 9.05
CA ASN B 93 -24.12 3.60 10.03
C ASN B 93 -23.66 4.07 11.40
N ALA B 94 -23.97 3.28 12.42
CA ALA B 94 -23.52 3.51 13.79
C ALA B 94 -22.82 2.20 14.09
N ALA B 95 -21.51 2.26 14.31
CA ALA B 95 -20.70 1.05 14.31
C ALA B 95 -19.48 1.18 15.21
N TYR B 96 -19.24 0.14 16.01
CA TYR B 96 -17.97 -0.05 16.68
C TYR B 96 -16.93 -0.48 15.65
N ASP B 97 -15.68 -0.13 15.93
CA ASP B 97 -14.55 -0.51 15.09
C ASP B 97 -13.45 -0.89 16.09
N ILE B 98 -13.05 -2.14 16.04
CA ILE B 98 -12.04 -2.66 16.97
C ILE B 98 -10.83 -3.14 16.16
N PHE B 99 -9.64 -2.67 16.54
CA PHE B 99 -8.40 -2.98 15.81
C PHE B 99 -7.48 -3.94 16.55
N PHE B 100 -6.95 -4.87 15.79
CA PHE B 100 -6.04 -5.93 16.27
C PHE B 100 -4.80 -5.91 15.38
N ALA B 101 -3.66 -6.33 15.93
CA ALA B 101 -2.39 -6.37 15.19
C ALA B 101 -1.41 -7.33 15.84
N ALA B 102 -0.67 -8.06 15.01
CA ALA B 102 0.39 -8.95 15.49
C ALA B 102 1.47 -8.17 16.23
N ASN B 103 1.85 -7.01 15.69
CA ASN B 103 2.94 -6.24 16.28
C ASN B 103 2.36 -5.10 17.09
N PRO B 104 2.55 -5.14 18.42
CA PRO B 104 1.80 -4.33 19.38
C PRO B 104 2.18 -2.88 19.28
N ASN B 105 3.17 -2.61 18.43
CA ASN B 105 3.70 -1.29 18.17
C ASN B 105 2.81 -0.54 17.21
N HIS B 106 1.96 -1.30 16.53
CA HIS B 106 1.15 -0.81 15.43
C HIS B 106 0.32 0.39 15.85
N VAL B 107 0.15 1.31 14.91
CA VAL B 107 -0.70 2.47 15.12
C VAL B 107 -2.16 2.03 15.29
N THR B 108 -2.86 2.72 16.19
CA THR B 108 -4.20 2.34 16.65
C THR B 108 -5.32 2.51 15.61
N TYR B 109 -5.00 3.15 14.48
CA TYR B 109 -6.00 3.41 13.44
C TYR B 109 -6.09 2.36 12.31
N SER B 110 -5.30 1.29 12.45
CA SER B 110 -5.37 0.11 11.56
C SER B 110 -4.77 -1.15 12.22
N GLY B 111 -4.45 -2.16 11.41
CA GLY B 111 -3.83 -3.38 11.92
C GLY B 111 -3.91 -4.58 10.98
N ASP B 112 -3.79 -5.77 11.55
CA ASP B 112 -3.96 -7.01 10.82
C ASP B 112 -5.41 -7.32 10.61
N ALA B 113 -6.24 -6.89 11.55
CA ALA B 113 -7.68 -7.08 11.45
C ALA B 113 -8.45 -5.93 12.05
N GLU B 114 -9.60 -5.68 11.43
CA GLU B 114 -10.54 -4.70 11.89
C GLU B 114 -11.85 -5.45 12.09
N LEU B 115 -12.43 -5.31 13.28
CA LEU B 115 -13.71 -5.91 13.60
C LEU B 115 -14.72 -4.80 13.82
N MET B 116 -15.81 -4.84 13.05
CA MET B 116 -16.87 -3.83 13.17
C MET B 116 -18.17 -4.46 13.65
N ILE B 117 -18.91 -3.68 14.42
CA ILE B 117 -20.23 -4.08 14.91
C ILE B 117 -21.22 -2.96 14.57
N TRP B 118 -22.08 -3.23 13.59
CA TRP B 118 -23.07 -2.25 13.13
C TRP B 118 -24.35 -2.38 13.96
N LEU B 119 -24.73 -1.31 14.63
CA LEU B 119 -25.91 -1.32 15.51
C LEU B 119 -27.15 -0.74 14.85
N ASN B 120 -26.91 0.15 13.89
CA ASN B 120 -27.93 0.95 13.23
C ASN B 120 -27.37 1.48 11.91
N LYS B 121 -28.26 1.86 11.01
CA LYS B 121 -27.90 2.42 9.70
C LYS B 121 -29.12 3.11 9.06
N ASN B 122 -28.85 3.89 8.03
CA ASN B 122 -29.90 4.42 7.18
C ASN B 122 -29.37 4.46 5.75
N GLY B 123 -30.24 4.23 4.78
CA GLY B 123 -29.85 4.20 3.38
C GLY B 123 -29.40 2.81 3.01
N ASP B 124 -28.97 2.59 1.78
CA ASP B 124 -28.63 1.22 1.41
C ASP B 124 -27.14 0.86 1.57
N VAL B 125 -26.52 1.39 2.61
CA VAL B 125 -25.12 1.10 2.88
C VAL B 125 -24.91 -0.34 3.37
N MET B 126 -23.90 -1.00 2.80
CA MET B 126 -23.55 -2.36 3.19
C MET B 126 -22.07 -2.46 3.59
N PRO B 127 -21.73 -3.48 4.41
CA PRO B 127 -20.32 -3.76 4.75
C PRO B 127 -19.46 -4.08 3.54
N ILE B 128 -18.14 -4.04 3.74
CA ILE B 128 -17.19 -4.56 2.76
C ILE B 128 -17.22 -6.09 2.85
N GLY B 129 -17.14 -6.77 1.71
CA GLY B 129 -17.00 -8.23 1.69
C GLY B 129 -18.25 -9.00 1.32
N SER B 130 -18.33 -10.25 1.80
CA SER B 130 -19.43 -11.16 1.48
C SER B 130 -20.02 -11.69 2.78
N ARG B 131 -21.32 -11.97 2.76
CA ARG B 131 -22.01 -12.55 3.91
C ARG B 131 -21.55 -14.00 4.10
N VAL B 132 -21.24 -14.35 5.34
CA VAL B 132 -20.60 -15.65 5.60
C VAL B 132 -21.48 -16.49 6.54
N ALA B 133 -22.26 -15.82 7.38
CA ALA B 133 -23.06 -16.52 8.37
C ALA B 133 -24.04 -15.60 9.06
N THR B 134 -24.91 -16.22 9.85
CA THR B 134 -25.76 -15.51 10.78
C THR B 134 -25.51 -16.20 12.12
N VAL B 135 -25.46 -15.40 13.18
CA VAL B 135 -25.02 -15.91 14.45
C VAL B 135 -25.77 -15.20 15.56
N GLU B 136 -26.07 -15.93 16.63
CA GLU B 136 -26.69 -15.37 17.81
C GLU B 136 -25.57 -15.06 18.78
N LEU B 137 -25.39 -13.78 19.08
CA LEU B 137 -24.35 -13.37 20.01
C LEU B 137 -24.87 -12.29 20.92
N ALA B 138 -24.44 -12.35 22.19
CA ALA B 138 -24.71 -11.33 23.19
C ALA B 138 -26.14 -10.78 23.17
N GLY B 139 -27.11 -11.70 23.06
CA GLY B 139 -28.52 -11.34 23.17
C GLY B 139 -29.25 -10.93 21.90
N ALA B 140 -28.56 -11.01 20.76
CA ALA B 140 -29.18 -10.62 19.48
C ALA B 140 -28.63 -11.46 18.33
N THR B 141 -29.18 -11.22 17.14
CA THR B 141 -28.82 -11.92 15.91
C THR B 141 -28.06 -10.98 14.96
N TRP B 142 -27.03 -11.52 14.32
CA TRP B 142 -26.08 -10.74 13.53
C TRP B 142 -25.75 -11.46 12.25
N GLU B 143 -25.78 -10.76 11.12
CA GLU B 143 -25.13 -11.29 9.93
C GLU B 143 -23.65 -10.98 10.00
N VAL B 144 -22.84 -11.97 9.65
CA VAL B 144 -21.40 -11.87 9.68
C VAL B 144 -20.88 -11.68 8.27
N TRP B 145 -20.20 -10.57 8.04
CA TRP B 145 -19.59 -10.26 6.76
C TRP B 145 -18.08 -10.32 6.89
N TYR B 146 -17.41 -10.85 5.88
CA TYR B 146 -15.97 -10.96 5.92
C TYR B 146 -15.34 -10.53 4.61
N ALA B 147 -14.24 -9.79 4.73
CA ALA B 147 -13.48 -9.37 3.56
C ALA B 147 -11.99 -9.55 3.77
N ASP B 148 -11.37 -10.24 2.81
CA ASP B 148 -9.93 -10.36 2.74
C ASP B 148 -9.43 -9.36 1.70
N ASN B 149 -9.15 -8.12 2.12
CA ASN B 149 -8.58 -7.15 1.18
C ASN B 149 -7.07 -7.00 1.32
N GLY B 150 -6.41 -8.15 1.32
CA GLY B 150 -4.96 -8.23 1.35
C GLY B 150 -4.32 -8.09 2.71
N ALA B 151 -3.86 -6.87 3.00
CA ALA B 151 -3.08 -6.59 4.22
C ALA B 151 -3.88 -6.77 5.50
N MET B 152 -5.21 -6.72 5.39
CA MET B 152 -6.07 -6.55 6.55
C MET B 152 -7.44 -7.23 6.43
N ASN B 153 -7.72 -8.12 7.38
CA ASN B 153 -9.03 -8.73 7.48
C ASN B 153 -10.05 -7.72 8.00
N VAL B 154 -11.23 -7.70 7.40
CA VAL B 154 -12.31 -6.86 7.89
C VAL B 154 -13.48 -7.78 8.18
N ILE B 155 -13.86 -7.85 9.44
CA ILE B 155 -15.01 -8.62 9.86
C ILE B 155 -16.09 -7.66 10.33
N SER B 156 -17.28 -7.80 9.78
CA SER B 156 -18.40 -6.99 10.22
C SER B 156 -19.56 -7.82 10.76
N TYR B 157 -20.03 -7.46 11.95
CA TYR B 157 -21.25 -8.02 12.53
C TYR B 157 -22.35 -6.99 12.42
N VAL B 158 -23.37 -7.33 11.63
CA VAL B 158 -24.47 -6.43 11.38
C VAL B 158 -25.73 -6.96 12.06
N ARG B 159 -26.27 -6.17 12.99
CA ARG B 159 -27.46 -6.55 13.73
C ARG B 159 -28.65 -6.67 12.77
N THR B 160 -29.43 -7.74 12.95
CA THR B 160 -30.57 -8.01 12.03
C THR B 160 -31.71 -7.04 12.19
N THR B 161 -31.85 -6.47 13.38
CA THR B 161 -32.75 -5.34 13.63
C THR B 161 -31.95 -4.22 14.32
N PRO B 162 -32.29 -2.96 14.02
CA PRO B 162 -31.55 -1.84 14.61
C PRO B 162 -31.75 -1.68 16.11
N THR B 163 -30.80 -1.02 16.77
CA THR B 163 -30.94 -0.63 18.17
C THR B 163 -30.36 0.77 18.37
N THR B 164 -30.75 1.43 19.45
CA THR B 164 -30.28 2.78 19.72
C THR B 164 -29.41 2.83 20.97
N SER B 165 -29.26 1.70 21.65
CA SER B 165 -28.40 1.62 22.82
C SER B 165 -28.00 0.20 23.13
N VAL B 166 -26.79 0.06 23.66
CA VAL B 166 -26.34 -1.20 24.26
C VAL B 166 -25.86 -0.95 25.69
N THR B 167 -26.03 -1.94 26.55
CA THR B 167 -25.66 -1.82 27.96
C THR B 167 -24.86 -3.08 28.28
N GLU B 168 -23.62 -2.90 28.72
CA GLU B 168 -22.71 -4.00 29.03
C GLU B 168 -22.71 -5.06 27.91
N LEU B 169 -22.58 -4.60 26.67
CA LEU B 169 -22.48 -5.50 25.54
C LEU B 169 -21.17 -6.28 25.64
N ASP B 170 -21.23 -7.59 25.41
CA ASP B 170 -20.08 -8.47 25.54
C ASP B 170 -19.23 -8.49 24.26
N LEU B 171 -18.26 -7.59 24.13
CA LEU B 171 -17.43 -7.53 22.91
C LEU B 171 -16.60 -8.79 22.73
N LYS B 172 -16.27 -9.45 23.84
CA LYS B 172 -15.48 -10.68 23.82
C LYS B 172 -16.22 -11.84 23.15
N ALA B 173 -17.54 -11.85 23.20
CA ALA B 173 -18.32 -12.82 22.43
C ALA B 173 -18.04 -12.69 20.92
N PHE B 174 -17.96 -11.44 20.45
CA PHE B 174 -17.66 -11.18 19.04
C PHE B 174 -16.23 -11.57 18.70
N ILE B 175 -15.29 -11.17 19.55
CA ILE B 175 -13.88 -11.55 19.37
C ILE B 175 -13.66 -13.07 19.35
N ASP B 176 -14.29 -13.80 20.26
CA ASP B 176 -14.15 -15.27 20.30
C ASP B 176 -14.73 -15.91 19.05
N ASP B 177 -15.82 -15.32 18.56
CA ASP B 177 -16.45 -15.83 17.34
C ASP B 177 -15.50 -15.72 16.16
N ALA B 178 -14.82 -14.58 16.04
CA ALA B 178 -13.94 -14.31 14.91
C ALA B 178 -12.67 -15.14 14.99
N VAL B 179 -12.18 -15.36 16.22
CA VAL B 179 -11.05 -16.25 16.45
C VAL B 179 -11.40 -17.67 15.96
N ALA B 180 -12.58 -18.15 16.34
CA ALA B 180 -13.06 -19.48 15.94
C ALA B 180 -13.09 -19.65 14.41
N ARG B 181 -13.46 -18.59 13.71
CA ARG B 181 -13.54 -18.61 12.24
C ARG B 181 -12.18 -18.46 11.58
N GLY B 182 -11.15 -18.15 12.38
CA GLY B 182 -9.79 -17.99 11.87
C GLY B 182 -9.50 -16.61 11.33
N TYR B 183 -10.37 -15.65 11.65
CA TYR B 183 -10.20 -14.28 11.15
C TYR B 183 -9.24 -13.47 12.01
N ILE B 184 -9.14 -13.85 13.27
CA ILE B 184 -8.28 -13.19 14.27
C ILE B 184 -7.45 -14.26 14.99
N ARG B 185 -6.15 -14.03 15.12
CA ARG B 185 -5.29 -14.93 15.89
C ARG B 185 -5.22 -14.52 17.36
N PRO B 186 -5.29 -15.52 18.28
CA PRO B 186 -5.21 -15.28 19.73
C PRO B 186 -3.95 -14.56 20.18
N GLU B 187 -2.87 -14.65 19.41
CA GLU B 187 -1.60 -13.97 19.76
C GLU B 187 -1.57 -12.48 19.39
N TRP B 188 -2.52 -12.02 18.58
CA TRP B 188 -2.57 -10.62 18.17
C TRP B 188 -2.98 -9.75 19.33
N TYR B 189 -2.57 -8.49 19.29
CA TYR B 189 -2.90 -7.56 20.37
C TYR B 189 -4.15 -6.76 20.04
N LEU B 190 -4.98 -6.54 21.06
CA LEU B 190 -6.10 -5.62 20.95
C LEU B 190 -5.56 -4.21 21.13
N LEU B 191 -5.66 -3.40 20.08
CA LEU B 191 -5.11 -2.05 20.13
C LEU B 191 -6.07 -0.99 20.62
N SER B 192 -7.32 -1.05 20.15
CA SER B 192 -8.26 0.03 20.44
C SER B 192 -9.70 -0.33 20.16
N VAL B 193 -10.58 0.35 20.88
CA VAL B 193 -12.00 0.20 20.69
C VAL B 193 -12.50 1.60 20.41
N GLN B 194 -13.26 1.76 19.33
CA GLN B 194 -13.95 2.99 19.09
C GLN B 194 -15.36 2.75 18.59
N THR B 195 -16.20 3.75 18.78
CA THR B 195 -17.53 3.75 18.19
C THR B 195 -17.82 5.14 17.64
N GLY B 196 -18.78 5.20 16.73
CA GLY B 196 -19.10 6.43 16.05
C GLY B 196 -19.94 6.11 14.82
N PHE B 197 -19.94 7.05 13.87
CA PHE B 197 -20.82 6.95 12.72
C PHE B 197 -20.01 7.03 11.43
N GLU B 198 -20.08 6.00 10.61
CA GLU B 198 -19.53 6.07 9.27
C GLU B 198 -20.51 6.85 8.41
N LEU B 199 -20.04 7.94 7.82
CA LEU B 199 -20.87 8.82 7.02
C LEU B 199 -20.54 8.70 5.56
N PHE B 200 -21.58 8.50 4.75
CA PHE B 200 -21.44 8.44 3.31
C PHE B 200 -22.11 9.70 2.74
N THR B 201 -23.35 9.94 3.13
CA THR B 201 -24.11 11.12 2.70
C THR B 201 -24.74 11.78 3.92
N GLY B 202 -24.50 13.09 4.07
CA GLY B 202 -25.07 13.86 5.18
C GLY B 202 -24.59 13.38 6.53
N GLY B 203 -25.48 13.36 7.52
CA GLY B 203 -25.12 12.93 8.86
C GLY B 203 -25.43 13.89 10.00
N ALA B 204 -25.73 15.15 9.70
CA ALA B 204 -25.94 16.17 10.74
C ALA B 204 -27.14 15.78 11.60
N GLY B 205 -27.00 15.91 12.92
CA GLY B 205 -28.05 15.54 13.84
C GLY B 205 -27.79 14.24 14.60
N LEU B 206 -26.88 13.42 14.09
CA LEU B 206 -26.47 12.21 14.81
C LEU B 206 -25.78 12.55 16.13
N ARG B 207 -26.13 11.82 17.19
CA ARG B 207 -25.55 12.02 18.52
C ARG B 207 -25.01 10.73 19.10
N SER B 208 -23.86 10.85 19.76
CA SER B 208 -23.22 9.77 20.49
C SER B 208 -23.18 10.17 21.96
N ALA B 209 -23.59 9.27 22.84
CA ALA B 209 -23.66 9.58 24.27
C ALA B 209 -23.31 8.39 25.16
N ASP B 210 -22.93 8.69 26.40
CA ASP B 210 -22.76 7.69 27.46
C ASP B 210 -21.83 6.55 27.10
N PHE B 211 -20.74 6.87 26.41
CA PHE B 211 -19.81 5.84 26.01
C PHE B 211 -18.99 5.30 27.16
N SER B 212 -18.84 3.98 27.19
CA SER B 212 -18.07 3.32 28.22
C SER B 212 -17.45 2.04 27.65
N VAL B 213 -16.20 1.78 27.99
CA VAL B 213 -15.53 0.51 27.67
C VAL B 213 -14.71 0.06 28.86
N THR B 214 -14.77 -1.24 29.15
CA THR B 214 -13.88 -1.85 30.12
C THR B 214 -13.21 -3.07 29.50
N VAL B 215 -11.90 -3.16 29.71
CA VAL B 215 -11.07 -4.27 29.22
C VAL B 215 -10.36 -4.91 30.41
N GLN B 216 -10.55 -6.21 30.58
CA GLN B 216 -9.81 -6.93 31.63
C GLN B 216 -9.24 -8.24 31.13
N SER C 1 -17.29 -21.25 -32.32
CA SER C 1 -15.94 -20.66 -31.99
C SER C 1 -16.01 -19.80 -30.73
N THR C 2 -16.66 -20.33 -29.69
CA THR C 2 -16.76 -19.66 -28.41
C THR C 2 -16.23 -20.58 -27.32
N VAL C 3 -15.56 -20.01 -26.33
CA VAL C 3 -15.05 -20.77 -25.19
C VAL C 3 -15.69 -20.27 -23.91
N GLU C 4 -15.88 -21.18 -22.94
CA GLU C 4 -16.37 -20.77 -21.62
C GLU C 4 -15.22 -20.67 -20.61
N LEU C 5 -15.06 -19.48 -20.03
CA LEU C 5 -14.06 -19.27 -18.98
C LEU C 5 -14.74 -19.24 -17.63
N CYS C 6 -14.35 -20.15 -16.73
CA CYS C 6 -14.94 -20.20 -15.39
C CYS C 6 -13.90 -19.98 -14.30
N GLY C 7 -12.63 -19.93 -14.67
CA GLY C 7 -11.57 -19.71 -13.71
C GLY C 7 -11.60 -18.28 -13.22
N GLN C 8 -11.33 -18.10 -11.94
CA GLN C 8 -11.21 -16.80 -11.30
C GLN C 8 -10.39 -15.79 -12.13
N TRP C 9 -9.21 -16.22 -12.58
CA TRP C 9 -8.26 -15.34 -13.25
C TRP C 9 -8.01 -15.69 -14.74
N ASP C 10 -8.97 -16.37 -15.37
CA ASP C 10 -8.91 -16.76 -16.78
C ASP C 10 -8.91 -15.57 -17.73
N THR C 11 -8.11 -15.67 -18.79
CA THR C 11 -8.01 -14.64 -19.84
CA THR C 11 -8.08 -14.67 -19.84
C THR C 11 -7.87 -15.29 -21.22
N ARG C 12 -8.43 -14.65 -22.24
CA ARG C 12 -8.24 -15.09 -23.63
C ARG C 12 -7.89 -13.90 -24.50
N THR C 13 -6.94 -14.10 -25.41
CA THR C 13 -6.70 -13.19 -26.51
C THR C 13 -7.83 -13.35 -27.53
N VAL C 14 -8.38 -12.24 -28.01
CA VAL C 14 -9.46 -12.28 -28.99
C VAL C 14 -9.22 -11.29 -30.13
N ALA C 15 -10.12 -11.32 -31.11
CA ALA C 15 -10.10 -10.39 -32.25
C ALA C 15 -8.73 -10.25 -32.88
N GLY C 16 -8.14 -11.39 -33.24
CA GLY C 16 -6.86 -11.44 -33.94
C GLY C 16 -5.69 -10.91 -33.14
N GLY C 17 -5.83 -10.91 -31.82
CA GLY C 17 -4.75 -10.47 -30.94
C GLY C 17 -4.84 -9.05 -30.43
N ARG C 18 -5.79 -8.26 -30.93
CA ARG C 18 -5.88 -6.85 -30.59
C ARG C 18 -6.38 -6.63 -29.14
N TYR C 19 -7.27 -7.52 -28.69
CA TYR C 19 -7.90 -7.37 -27.38
C TYR C 19 -7.74 -8.62 -26.51
N THR C 20 -8.00 -8.44 -25.23
CA THR C 20 -7.95 -9.50 -24.25
C THR C 20 -9.27 -9.46 -23.46
N VAL C 21 -9.87 -10.62 -23.24
CA VAL C 21 -11.08 -10.74 -22.43
C VAL C 21 -10.73 -11.50 -21.16
N SER C 22 -11.08 -10.92 -20.01
CA SER C 22 -10.76 -11.49 -18.70
C SER C 22 -12.00 -11.73 -17.85
N ASN C 23 -12.01 -12.87 -17.14
CA ASN C 23 -13.06 -13.17 -16.17
C ASN C 23 -12.93 -12.25 -14.94
N ASN C 24 -11.69 -12.03 -14.50
CA ASN C 24 -11.34 -10.99 -13.51
C ASN C 24 -12.20 -10.98 -12.23
N VAL C 25 -12.34 -12.12 -11.57
CA VAL C 25 -13.03 -12.17 -10.27
C VAL C 25 -12.01 -11.81 -9.20
N TRP C 26 -11.85 -10.51 -8.96
CA TRP C 26 -10.77 -10.02 -8.11
C TRP C 26 -11.18 -9.69 -6.69
N GLY C 27 -12.49 -9.52 -6.46
CA GLY C 27 -12.96 -9.07 -5.15
C GLY C 27 -13.86 -10.04 -4.42
N ALA C 28 -13.81 -11.32 -4.80
CA ALA C 28 -14.60 -12.37 -4.13
C ALA C 28 -14.11 -13.76 -4.58
N GLU C 29 -14.61 -14.80 -3.94
CA GLU C 29 -14.31 -16.17 -4.37
C GLU C 29 -15.54 -16.91 -4.89
N THR C 30 -16.62 -16.17 -5.10
CA THR C 30 -17.85 -16.67 -5.70
C THR C 30 -17.73 -16.97 -7.19
N ALA C 31 -18.57 -17.88 -7.68
CA ALA C 31 -18.41 -18.42 -9.02
C ALA C 31 -18.86 -17.47 -10.14
N GLN C 32 -18.14 -17.51 -11.26
CA GLN C 32 -18.50 -16.73 -12.43
C GLN C 32 -17.97 -17.42 -13.68
N CYS C 33 -18.82 -17.52 -14.70
CA CYS C 33 -18.38 -17.97 -16.02
C CYS C 33 -18.80 -16.95 -17.06
N ILE C 34 -17.96 -16.77 -18.08
CA ILE C 34 -18.31 -15.98 -19.25
C ILE C 34 -18.08 -16.80 -20.51
N GLU C 35 -18.96 -16.63 -21.48
CA GLU C 35 -18.80 -17.29 -22.78
C GLU C 35 -18.30 -16.26 -23.79
N VAL C 36 -17.12 -16.53 -24.35
CA VAL C 36 -16.37 -15.54 -25.14
C VAL C 36 -16.30 -15.94 -26.63
N GLY C 37 -16.70 -15.03 -27.51
CA GLY C 37 -16.48 -15.19 -28.95
C GLY C 37 -15.06 -14.80 -29.32
N LEU C 38 -14.28 -15.78 -29.79
CA LEU C 38 -12.85 -15.58 -30.07
C LEU C 38 -12.55 -14.60 -31.20
N GLU C 39 -13.50 -14.45 -32.13
CA GLU C 39 -13.29 -13.59 -33.30
C GLU C 39 -13.62 -12.13 -33.00
N THR C 40 -14.65 -11.94 -32.19
CA THR C 40 -15.23 -10.62 -31.93
C THR C 40 -14.82 -10.07 -30.57
N GLY C 41 -14.66 -10.96 -29.59
CA GLY C 41 -14.44 -10.53 -28.22
C GLY C 41 -15.75 -10.37 -27.48
N ASN C 42 -16.86 -10.56 -28.20
CA ASN C 42 -18.18 -10.51 -27.59
C ASN C 42 -18.23 -11.50 -26.44
N PHE C 43 -18.82 -11.10 -25.33
CA PHE C 43 -19.03 -12.04 -24.24
C PHE C 43 -20.37 -11.90 -23.55
N THR C 44 -20.85 -13.03 -23.02
CA THR C 44 -22.01 -13.13 -22.18
C THR C 44 -21.57 -13.69 -20.81
N ILE C 45 -22.08 -13.10 -19.75
CA ILE C 45 -21.90 -13.64 -18.41
C ILE C 45 -22.99 -14.70 -18.23
N THR C 46 -22.57 -15.96 -18.11
CA THR C 46 -23.51 -17.09 -18.08
C THR C 46 -23.72 -17.60 -16.67
N ARG C 47 -22.78 -17.30 -15.79
CA ARG C 47 -22.88 -17.68 -14.38
C ARG C 47 -22.25 -16.57 -13.56
N ALA C 48 -22.93 -16.17 -12.48
CA ALA C 48 -22.42 -15.12 -11.59
C ALA C 48 -23.12 -15.22 -10.24
N GLU C 49 -22.44 -15.79 -9.26
CA GLU C 49 -23.03 -16.07 -7.95
C GLU C 49 -22.65 -15.07 -6.87
N HIS C 50 -22.12 -13.92 -7.29
CA HIS C 50 -21.62 -12.92 -6.35
C HIS C 50 -22.74 -12.36 -5.48
N ASP C 51 -22.40 -12.06 -4.23
CA ASP C 51 -23.28 -11.30 -3.32
C ASP C 51 -22.41 -10.49 -2.38
N ASN C 52 -21.70 -9.51 -2.95
CA ASN C 52 -20.84 -8.65 -2.14
C ASN C 52 -21.61 -7.50 -1.55
N GLY C 53 -20.99 -6.76 -0.63
CA GLY C 53 -21.62 -5.58 -0.02
C GLY C 53 -21.34 -4.35 -0.87
N ASN C 54 -20.59 -3.41 -0.31
CA ASN C 54 -20.30 -2.13 -0.98
C ASN C 54 -19.07 -2.17 -1.91
N ASN C 55 -18.38 -3.30 -1.95
CA ASN C 55 -17.18 -3.44 -2.77
C ASN C 55 -17.41 -4.37 -3.96
N VAL C 56 -16.70 -4.09 -5.05
CA VAL C 56 -16.78 -4.87 -6.29
C VAL C 56 -16.31 -6.31 -6.11
N ALA C 57 -17.12 -7.25 -6.61
CA ALA C 57 -16.76 -8.67 -6.57
C ALA C 57 -15.91 -9.06 -7.77
N ALA C 58 -16.28 -8.55 -8.95
CA ALA C 58 -15.66 -8.93 -10.20
C ALA C 58 -15.81 -7.81 -11.23
N TYR C 59 -14.95 -7.84 -12.25
CA TYR C 59 -15.04 -6.92 -13.38
C TYR C 59 -14.61 -7.67 -14.65
N PRO C 60 -15.48 -8.61 -15.12
CA PRO C 60 -15.23 -9.22 -16.43
C PRO C 60 -15.22 -8.10 -17.48
N ASN C 61 -14.18 -8.10 -18.31
CA ASN C 61 -13.94 -6.97 -19.20
C ASN C 61 -13.23 -7.40 -20.46
N ILE C 62 -13.29 -6.52 -21.45
CA ILE C 62 -12.45 -6.60 -22.64
C ILE C 62 -11.51 -5.38 -22.63
N GLN C 63 -10.24 -5.64 -22.91
CA GLN C 63 -9.19 -4.67 -22.73
C GLN C 63 -8.41 -4.42 -24.01
N PHE C 64 -8.04 -3.16 -24.22
CA PHE C 64 -7.04 -2.80 -25.21
C PHE C 64 -5.85 -2.18 -24.44
N ALA C 65 -4.72 -2.88 -24.42
CA ALA C 65 -3.49 -2.32 -23.86
C ALA C 65 -2.80 -1.53 -24.97
N ILE C 66 -2.44 -0.27 -24.70
CA ILE C 66 -1.82 0.60 -25.70
C ILE C 66 -0.50 -0.02 -26.18
N PRO C 67 -0.37 -0.30 -27.49
CA PRO C 67 0.78 -1.08 -27.98
C PRO C 67 2.13 -0.34 -27.82
N GLN C 68 2.14 0.96 -28.05
CA GLN C 68 3.36 1.76 -27.91
C GLN C 68 3.09 2.96 -26.99
N PRO C 69 3.99 3.22 -26.03
CA PRO C 69 3.71 4.16 -24.95
C PRO C 69 3.36 5.57 -25.46
N ARG C 70 2.19 6.06 -25.05
CA ARG C 70 1.68 7.38 -25.50
C ARG C 70 1.35 8.27 -24.32
N ARG C 71 1.91 9.47 -24.28
CA ARG C 71 1.59 10.45 -23.25
C ARG C 71 0.29 11.16 -23.58
N VAL C 72 -0.47 11.51 -22.54
CA VAL C 72 -1.73 12.23 -22.70
C VAL C 72 -1.59 13.46 -23.62
N GLN C 73 -0.54 14.26 -23.40
CA GLN C 73 -0.27 15.45 -24.22
C GLN C 73 0.01 15.12 -25.69
N GLU C 74 0.38 13.89 -25.96
CA GLU C 74 0.68 13.42 -27.32
C GLU C 74 -0.55 12.84 -28.01
N LEU C 75 -1.67 12.71 -27.30
CA LEU C 75 -2.87 12.10 -27.89
C LEU C 75 -3.59 13.05 -28.81
N SER C 76 -4.18 12.50 -29.86
CA SER C 76 -4.87 13.32 -30.84
C SER C 76 -6.34 12.94 -30.93
N ASP C 77 -6.62 11.64 -30.93
CA ASP C 77 -7.98 11.13 -31.09
C ASP C 77 -8.09 9.77 -30.40
N VAL C 78 -9.04 9.62 -29.49
CA VAL C 78 -9.29 8.35 -28.82
C VAL C 78 -10.79 8.08 -28.89
N ARG C 79 -11.17 7.05 -29.63
CA ARG C 79 -12.58 6.76 -29.92
C ARG C 79 -12.92 5.35 -29.52
N THR C 80 -14.19 5.11 -29.19
CA THR C 80 -14.62 3.79 -28.79
C THR C 80 -16.09 3.60 -29.10
N SER C 81 -16.44 2.38 -29.49
CA SER C 81 -17.82 1.95 -29.67
C SER C 81 -18.06 0.72 -28.79
N TRP C 82 -19.28 0.57 -28.30
CA TRP C 82 -19.65 -0.54 -27.45
C TRP C 82 -21.15 -0.68 -27.42
N THR C 83 -21.60 -1.92 -27.33
CA THR C 83 -23.01 -2.21 -27.14
C THR C 83 -23.16 -3.20 -26.00
N LEU C 84 -23.99 -2.85 -25.03
CA LEU C 84 -24.25 -3.75 -23.91
C LEU C 84 -25.72 -4.18 -23.92
N THR C 85 -25.98 -5.37 -23.37
CA THR C 85 -27.33 -5.84 -23.09
C THR C 85 -27.51 -5.86 -21.58
N PRO C 86 -28.36 -4.96 -21.04
CA PRO C 86 -28.60 -4.93 -19.60
C PRO C 86 -29.52 -6.06 -19.12
N ILE C 87 -29.53 -6.29 -17.81
CA ILE C 87 -30.51 -7.16 -17.16
C ILE C 87 -31.32 -6.33 -16.15
N THR C 88 -32.36 -6.93 -15.56
CA THR C 88 -33.26 -6.16 -14.71
C THR C 88 -33.08 -6.47 -13.22
N THR C 89 -32.26 -7.47 -12.91
CA THR C 89 -31.95 -7.88 -11.54
C THR C 89 -30.48 -7.60 -11.17
N GLY C 90 -30.17 -7.75 -9.90
CA GLY C 90 -28.78 -7.68 -9.42
C GLY C 90 -28.24 -6.29 -9.18
N ARG C 91 -26.98 -6.21 -8.76
CA ARG C 91 -26.30 -4.94 -8.53
C ARG C 91 -24.99 -4.94 -9.33
N TRP C 92 -24.93 -4.05 -10.31
CA TRP C 92 -23.81 -4.01 -11.24
C TRP C 92 -23.84 -2.65 -11.95
N ASN C 93 -22.77 -2.36 -12.69
CA ASN C 93 -22.75 -1.24 -13.62
C ASN C 93 -22.12 -1.65 -14.95
N ALA C 94 -22.28 -0.82 -15.97
CA ALA C 94 -21.58 -1.02 -17.24
C ALA C 94 -20.61 0.14 -17.34
N ALA C 95 -19.30 -0.15 -17.34
CA ALA C 95 -18.32 0.90 -17.18
C ALA C 95 -17.03 0.64 -17.92
N TYR C 96 -16.55 1.70 -18.58
CA TYR C 96 -15.18 1.82 -19.03
C TYR C 96 -14.27 2.04 -17.83
N ASP C 97 -13.05 1.55 -17.96
CA ASP C 97 -12.01 1.76 -16.96
C ASP C 97 -10.74 2.05 -17.74
N ILE C 98 -10.16 3.23 -17.52
CA ILE C 98 -9.00 3.68 -18.28
C ILE C 98 -7.86 4.01 -17.31
N PHE C 99 -6.67 3.48 -17.56
CA PHE C 99 -5.55 3.64 -16.64
C PHE C 99 -4.41 4.52 -17.17
N PHE C 100 -3.92 5.39 -16.29
CA PHE C 100 -2.84 6.31 -16.58
C PHE C 100 -1.76 6.13 -15.52
N ALA C 101 -0.51 6.34 -15.93
CA ALA C 101 0.62 6.27 -15.02
C ALA C 101 1.73 7.20 -15.49
N ALA C 102 2.44 7.80 -14.53
CA ALA C 102 3.65 8.54 -14.82
C ALA C 102 4.72 7.61 -15.42
N ASN C 103 4.81 6.38 -14.90
CA ASN C 103 5.67 5.29 -15.40
C ASN C 103 5.08 4.59 -16.62
N PRO C 104 5.72 4.74 -17.80
CA PRO C 104 5.20 4.10 -19.02
C PRO C 104 5.17 2.58 -18.95
N ASN C 105 5.93 2.00 -18.02
CA ASN C 105 6.05 0.55 -17.95
C ASN C 105 5.29 -0.07 -16.80
N HIS C 106 4.49 0.76 -16.12
CA HIS C 106 3.57 0.33 -15.06
C HIS C 106 2.59 -0.74 -15.58
N VAL C 107 2.24 -1.70 -14.73
CA VAL C 107 1.21 -2.69 -15.08
C VAL C 107 -0.09 -1.99 -15.50
N THR C 108 -0.70 -2.53 -16.55
CA THR C 108 -1.87 -1.94 -17.19
C THR C 108 -3.13 -2.00 -16.33
N TYR C 109 -3.09 -2.79 -15.24
CA TYR C 109 -4.25 -2.97 -14.38
C TYR C 109 -4.36 -1.97 -13.22
N SER C 110 -3.37 -1.07 -13.13
CA SER C 110 -3.44 0.09 -12.22
C SER C 110 -2.59 1.28 -12.74
N GLY C 111 -2.49 2.34 -11.94
CA GLY C 111 -1.62 3.46 -12.26
C GLY C 111 -1.66 4.59 -11.24
N ASP C 112 -1.33 5.80 -11.68
CA ASP C 112 -1.50 6.97 -10.85
C ASP C 112 -2.94 7.42 -10.87
N ALA C 113 -3.65 7.09 -11.95
CA ALA C 113 -5.05 7.47 -12.08
C ALA C 113 -5.84 6.43 -12.83
N GLU C 114 -7.10 6.33 -12.44
CA GLU C 114 -8.07 5.47 -13.08
C GLU C 114 -9.27 6.34 -13.45
N LEU C 115 -9.63 6.34 -14.73
CA LEU C 115 -10.77 7.14 -15.16
C LEU C 115 -11.89 6.19 -15.59
N MET C 116 -13.05 6.31 -14.95
CA MET C 116 -14.18 5.44 -15.26
C MET C 116 -15.31 6.20 -15.93
N ILE C 117 -16.03 5.52 -16.81
CA ILE C 117 -17.19 6.11 -17.46
C ILE C 117 -18.37 5.14 -17.35
N TRP C 118 -19.35 5.50 -16.52
CA TRP C 118 -20.48 4.61 -16.23
C TRP C 118 -21.59 4.90 -17.23
N LEU C 119 -21.97 3.89 -18.01
CA LEU C 119 -23.01 4.05 -19.02
C LEU C 119 -24.38 3.57 -18.53
N ASN C 120 -24.38 2.54 -17.70
CA ASN C 120 -25.61 1.95 -17.22
C ASN C 120 -25.36 1.30 -15.86
N LYS C 121 -26.43 0.95 -15.16
CA LYS C 121 -26.33 0.26 -13.85
C LYS C 121 -27.69 -0.22 -13.41
N ASN C 122 -27.71 -1.09 -12.40
CA ASN C 122 -28.92 -1.51 -11.70
C ASN C 122 -28.57 -1.68 -10.21
N GLY C 123 -29.55 -1.48 -9.32
CA GLY C 123 -29.28 -1.49 -7.88
C GLY C 123 -28.74 -0.13 -7.47
N ASP C 124 -28.56 0.12 -6.18
CA ASP C 124 -28.12 1.46 -5.81
C ASP C 124 -26.62 1.56 -5.58
N VAL C 125 -25.91 1.06 -6.58
CA VAL C 125 -24.47 1.09 -6.66
C VAL C 125 -23.98 2.50 -7.00
N MET C 126 -22.91 2.92 -6.34
CA MET C 126 -22.35 4.25 -6.55
C MET C 126 -20.84 4.20 -6.72
N PRO C 127 -20.25 5.25 -7.34
CA PRO C 127 -18.81 5.28 -7.54
C PRO C 127 -18.04 5.39 -6.23
N ILE C 128 -16.73 5.19 -6.32
CA ILE C 128 -15.81 5.49 -5.24
C ILE C 128 -15.45 6.96 -5.40
N GLY C 129 -15.84 7.77 -4.43
CA GLY C 129 -15.44 9.18 -4.38
C GLY C 129 -16.55 10.09 -3.94
N SER C 130 -16.32 11.39 -4.10
CA SER C 130 -17.31 12.43 -3.77
C SER C 130 -17.85 13.07 -5.05
N ARG C 131 -19.14 13.37 -5.09
CA ARG C 131 -19.74 14.02 -6.24
C ARG C 131 -19.34 15.48 -6.20
N VAL C 132 -18.69 15.95 -7.27
CA VAL C 132 -18.05 17.27 -7.28
C VAL C 132 -18.56 18.19 -8.38
N ALA C 133 -19.18 17.61 -9.41
CA ALA C 133 -19.59 18.40 -10.56
C ALA C 133 -20.55 17.65 -11.48
N THR C 134 -21.20 18.42 -12.36
CA THR C 134 -21.95 17.89 -13.48
C THR C 134 -21.33 18.58 -14.71
N VAL C 135 -21.15 17.83 -15.78
CA VAL C 135 -20.51 18.36 -16.98
C VAL C 135 -21.21 17.80 -18.23
N GLU C 136 -21.29 18.62 -19.28
CA GLU C 136 -21.76 18.15 -20.59
C GLU C 136 -20.56 17.76 -21.44
N LEU C 137 -20.48 16.47 -21.77
CA LEU C 137 -19.40 15.95 -22.61
C LEU C 137 -19.97 15.02 -23.65
N ALA C 138 -19.39 15.08 -24.85
CA ALA C 138 -19.70 14.15 -25.94
C ALA C 138 -21.20 13.91 -26.12
N GLY C 139 -21.96 15.00 -26.12
CA GLY C 139 -23.39 14.95 -26.38
C GLY C 139 -24.21 14.30 -25.28
N ALA C 140 -23.71 14.37 -24.05
CA ALA C 140 -24.48 13.91 -22.90
C ALA C 140 -24.09 14.68 -21.65
N THR C 141 -24.83 14.41 -20.57
CA THR C 141 -24.59 15.01 -19.27
C THR C 141 -24.12 13.91 -18.29
N TRP C 142 -23.09 14.24 -17.51
CA TRP C 142 -22.38 13.29 -16.67
C TRP C 142 -22.13 13.89 -15.28
N GLU C 143 -22.39 13.12 -14.22
CA GLU C 143 -21.89 13.47 -12.88
C GLU C 143 -20.42 13.12 -12.82
N VAL C 144 -19.64 14.02 -12.22
CA VAL C 144 -18.21 13.77 -12.01
C VAL C 144 -17.99 13.43 -10.52
N TRP C 145 -17.39 12.27 -10.29
CA TRP C 145 -17.05 11.83 -8.93
C TRP C 145 -15.55 11.74 -8.86
N TYR C 146 -14.97 12.07 -7.70
CA TYR C 146 -13.53 12.06 -7.54
C TYR C 146 -13.08 11.51 -6.19
N ALA C 147 -12.14 10.58 -6.22
CA ALA C 147 -11.52 10.03 -5.02
C ALA C 147 -10.02 10.18 -5.08
N ASP C 148 -9.46 10.82 -4.07
CA ASP C 148 -8.02 10.87 -3.88
C ASP C 148 -7.72 9.99 -2.66
N ASN C 149 -7.90 8.68 -2.82
CA ASN C 149 -7.81 7.77 -1.67
C ASN C 149 -6.40 7.69 -1.09
N GLY C 150 -5.42 7.65 -2.00
CA GLY C 150 -4.03 7.56 -1.64
C GLY C 150 -3.15 7.48 -2.86
N ALA C 151 -2.76 6.26 -3.21
CA ALA C 151 -1.79 6.04 -4.28
C ALA C 151 -2.38 6.28 -5.66
N MET C 152 -3.71 6.16 -5.76
CA MET C 152 -4.39 6.27 -7.05
CA MET C 152 -4.39 6.26 -7.05
C MET C 152 -5.61 7.16 -7.01
N ASN C 153 -5.63 8.15 -7.90
CA ASN C 153 -6.79 9.00 -8.08
C ASN C 153 -7.83 8.22 -8.88
N VAL C 154 -9.10 8.37 -8.49
CA VAL C 154 -10.18 7.76 -9.26
C VAL C 154 -11.17 8.84 -9.67
N ILE C 155 -11.35 9.00 -10.98
CA ILE C 155 -12.32 9.93 -11.54
C ILE C 155 -13.40 9.13 -12.26
N SER C 156 -14.66 9.31 -11.85
CA SER C 156 -15.79 8.60 -12.49
C SER C 156 -16.76 9.57 -13.12
N TYR C 157 -17.07 9.35 -14.40
CA TYR C 157 -18.14 10.07 -15.08
C TYR C 157 -19.37 9.17 -15.19
N VAL C 158 -20.48 9.61 -14.60
CA VAL C 158 -21.68 8.78 -14.60
C VAL C 158 -22.75 9.48 -15.44
N ARG C 159 -23.18 8.80 -16.49
CA ARG C 159 -24.21 9.33 -17.38
C ARG C 159 -25.52 9.47 -16.61
N THR C 160 -26.09 10.68 -16.66
CA THR C 160 -27.31 10.97 -15.91
C THR C 160 -28.50 10.21 -16.49
N THR C 161 -28.43 9.90 -17.78
CA THR C 161 -29.39 9.01 -18.44
C THR C 161 -28.68 7.72 -18.86
N PRO C 162 -29.20 6.55 -18.44
CA PRO C 162 -28.52 5.34 -18.92
C PRO C 162 -28.64 5.14 -20.43
N THR C 163 -27.63 4.50 -21.01
CA THR C 163 -27.63 4.08 -22.40
C THR C 163 -27.21 2.61 -22.54
N THR C 164 -27.46 2.04 -23.71
CA THR C 164 -27.04 0.67 -24.01
C THR C 164 -25.97 0.59 -25.10
N SER C 165 -25.71 1.71 -25.78
CA SER C 165 -24.73 1.70 -26.89
C SER C 165 -24.07 3.05 -27.04
N VAL C 166 -22.83 3.06 -27.51
CA VAL C 166 -22.13 4.29 -27.91
C VAL C 166 -21.40 4.05 -29.21
N THR C 167 -21.37 5.07 -30.06
CA THR C 167 -20.72 4.97 -31.36
C THR C 167 -19.72 6.11 -31.50
N GLU C 168 -18.45 5.73 -31.70
CA GLU C 168 -17.35 6.71 -31.82
C GLU C 168 -17.35 7.72 -30.67
N LEU C 169 -17.62 7.25 -29.46
CA LEU C 169 -17.54 8.08 -28.27
C LEU C 169 -16.14 8.66 -28.17
N ASP C 170 -16.06 9.96 -27.93
CA ASP C 170 -14.80 10.67 -27.87
C ASP C 170 -14.25 10.61 -26.45
N LEU C 171 -13.36 9.65 -26.22
CA LEU C 171 -12.78 9.44 -24.90
C LEU C 171 -11.81 10.55 -24.51
N LYS C 172 -11.23 11.21 -25.50
CA LYS C 172 -10.28 12.29 -25.25
C LYS C 172 -10.98 13.46 -24.58
N ALA C 173 -12.26 13.63 -24.89
CA ALA C 173 -13.07 14.68 -24.26
C ALA C 173 -13.08 14.53 -22.73
N PHE C 174 -13.20 13.28 -22.26
CA PHE C 174 -13.15 12.99 -20.83
C PHE C 174 -11.75 13.18 -20.28
N ILE C 175 -10.75 12.63 -20.99
CA ILE C 175 -9.34 12.80 -20.62
C ILE C 175 -9.00 14.28 -20.46
N ASP C 176 -9.36 15.10 -21.45
CA ASP C 176 -9.12 16.55 -21.39
C ASP C 176 -9.83 17.25 -20.24
N ASP C 177 -11.06 16.81 -19.95
CA ASP C 177 -11.80 17.40 -18.84
C ASP C 177 -11.10 17.12 -17.50
N ALA C 178 -10.68 15.86 -17.30
CA ALA C 178 -9.93 15.47 -16.10
C ALA C 178 -8.58 16.19 -15.96
N VAL C 179 -7.93 16.46 -17.08
CA VAL C 179 -6.66 17.21 -17.07
C VAL C 179 -6.88 18.66 -16.57
N ALA C 180 -7.94 19.30 -17.06
CA ALA C 180 -8.26 20.67 -16.67
C ALA C 180 -8.58 20.76 -15.17
N ARG C 181 -9.20 19.71 -14.63
CA ARG C 181 -9.55 19.66 -13.21
C ARG C 181 -8.34 19.36 -12.33
N GLY C 182 -7.23 18.98 -12.98
CA GLY C 182 -5.98 18.70 -12.29
C GLY C 182 -5.87 17.27 -11.79
N TYR C 183 -6.78 16.41 -12.24
CA TYR C 183 -6.84 15.03 -11.75
C TYR C 183 -5.87 14.12 -12.51
N ILE C 184 -5.51 14.53 -13.71
CA ILE C 184 -4.60 13.75 -14.55
C ILE C 184 -3.54 14.71 -15.08
N ARG C 185 -2.29 14.31 -15.00
CA ARG C 185 -1.20 15.10 -15.55
C ARG C 185 -0.97 14.78 -17.04
N PRO C 186 -0.77 15.82 -17.87
CA PRO C 186 -0.54 15.65 -19.31
C PRO C 186 0.69 14.81 -19.67
N GLU C 187 1.71 14.81 -18.80
CA GLU C 187 2.91 14.00 -19.03
C GLU C 187 2.70 12.53 -18.73
N TRP C 188 1.58 12.18 -18.09
CA TRP C 188 1.29 10.77 -17.77
C TRP C 188 0.93 9.94 -19.02
N TYR C 189 1.21 8.65 -18.97
CA TYR C 189 0.94 7.76 -20.09
C TYR C 189 -0.43 7.10 -20.02
N LEU C 190 -1.09 6.97 -21.16
CA LEU C 190 -2.32 6.22 -21.25
C LEU C 190 -1.95 4.75 -21.46
N LEU C 191 -2.28 3.90 -20.47
CA LEU C 191 -1.82 2.50 -20.46
C LEU C 191 -2.77 1.53 -21.16
N SER C 192 -4.05 1.62 -20.82
CA SER C 192 -5.03 0.70 -21.37
C SER C 192 -6.43 1.24 -21.25
N VAL C 193 -7.30 0.74 -22.12
CA VAL C 193 -8.72 1.05 -22.13
C VAL C 193 -9.44 -0.28 -22.04
N GLN C 194 -10.36 -0.38 -21.08
CA GLN C 194 -11.17 -1.55 -20.97
C GLN C 194 -12.60 -1.16 -20.70
N THR C 195 -13.50 -2.10 -21.01
CA THR C 195 -14.87 -1.94 -20.63
C THR C 195 -15.46 -3.27 -20.21
N GLY C 196 -16.53 -3.21 -19.43
CA GLY C 196 -17.13 -4.42 -18.91
C GLY C 196 -18.13 -4.06 -17.83
N PHE C 197 -18.30 -4.99 -16.90
CA PHE C 197 -19.32 -4.88 -15.90
C PHE C 197 -18.72 -5.11 -14.53
N GLU C 198 -18.82 -4.11 -13.66
CA GLU C 198 -18.48 -4.30 -12.25
C GLU C 198 -19.70 -4.97 -11.60
N LEU C 199 -19.47 -6.15 -11.04
CA LEU C 199 -20.54 -6.92 -10.45
C LEU C 199 -20.42 -6.88 -8.94
N PHE C 200 -21.53 -6.59 -8.28
CA PHE C 200 -21.61 -6.62 -6.83
C PHE C 200 -22.49 -7.81 -6.41
N THR C 201 -23.73 -7.85 -6.94
CA THR C 201 -24.64 -8.98 -6.73
C THR C 201 -25.14 -9.53 -8.07
N GLY C 202 -24.94 -10.82 -8.30
CA GLY C 202 -25.42 -11.44 -9.54
C GLY C 202 -24.69 -10.97 -10.77
N GLY C 203 -25.41 -10.87 -11.90
CA GLY C 203 -24.84 -10.45 -13.17
C GLY C 203 -25.08 -11.37 -14.37
N ALA C 204 -25.60 -12.58 -14.15
CA ALA C 204 -25.83 -13.52 -15.25
C ALA C 204 -26.80 -12.94 -16.27
N GLY C 205 -26.42 -13.00 -17.54
CA GLY C 205 -27.26 -12.50 -18.61
C GLY C 205 -26.71 -11.27 -19.29
N LEU C 206 -25.85 -10.52 -18.58
CA LEU C 206 -25.25 -9.32 -19.16
C LEU C 206 -24.40 -9.69 -20.36
N ARG C 207 -24.48 -8.88 -21.41
CA ARG C 207 -23.72 -9.16 -22.62
C ARG C 207 -22.95 -7.94 -23.07
N SER C 208 -21.71 -8.17 -23.49
CA SER C 208 -20.85 -7.17 -24.09
C SER C 208 -20.64 -7.53 -25.57
N ALA C 209 -20.72 -6.54 -26.45
CA ALA C 209 -20.61 -6.81 -27.88
C ALA C 209 -20.09 -5.63 -28.68
N ASP C 210 -19.54 -5.92 -29.86
CA ASP C 210 -19.16 -4.90 -30.84
C ASP C 210 -18.21 -3.83 -30.27
N PHE C 211 -17.28 -4.29 -29.44
CA PHE C 211 -16.27 -3.44 -28.85
C PHE C 211 -15.16 -3.06 -29.83
N SER C 212 -14.76 -1.79 -29.80
CA SER C 212 -13.57 -1.34 -30.51
C SER C 212 -13.04 -0.09 -29.82
N VAL C 213 -11.71 0.08 -29.83
CA VAL C 213 -11.06 1.30 -29.40
C VAL C 213 -9.99 1.62 -30.43
N THR C 214 -9.84 2.91 -30.74
CA THR C 214 -8.73 3.37 -31.56
C THR C 214 -8.03 4.52 -30.83
N VAL C 215 -6.72 4.56 -30.96
CA VAL C 215 -5.88 5.57 -30.31
C VAL C 215 -4.93 6.13 -31.36
N GLN C 216 -4.91 7.46 -31.49
CA GLN C 216 -4.09 8.15 -32.48
C GLN C 216 -3.38 9.32 -31.82
N SER D 1 21.32 5.37 -35.97
CA SER D 1 20.25 6.23 -35.40
C SER D 1 20.13 6.02 -33.89
N THR D 2 20.67 6.97 -33.12
CA THR D 2 20.60 6.94 -31.67
C THR D 2 19.90 8.16 -31.14
N VAL D 3 19.36 8.04 -29.95
CA VAL D 3 18.63 9.11 -29.29
C VAL D 3 19.02 9.18 -27.81
N GLU D 4 19.07 10.38 -27.26
CA GLU D 4 19.31 10.54 -25.82
C GLU D 4 18.02 10.86 -25.07
N LEU D 5 17.76 10.07 -24.03
CA LEU D 5 16.62 10.31 -23.14
C LEU D 5 17.15 10.75 -21.78
N CYS D 6 16.70 11.91 -21.32
CA CYS D 6 17.14 12.47 -20.05
C CYS D 6 15.98 12.68 -19.09
N GLY D 7 14.76 12.55 -19.60
CA GLY D 7 13.57 12.66 -18.77
C GLY D 7 13.40 11.47 -17.84
N GLN D 8 13.02 11.76 -16.60
CA GLN D 8 12.82 10.76 -15.55
C GLN D 8 12.04 9.51 -15.98
N TRP D 9 10.99 9.72 -16.76
CA TRP D 9 10.09 8.63 -17.15
C TRP D 9 10.06 8.42 -18.65
N ASP D 10 11.15 8.81 -19.33
CA ASP D 10 11.28 8.65 -20.77
C ASP D 10 11.35 7.19 -21.16
N THR D 11 10.83 6.91 -22.36
CA THR D 11 10.82 5.57 -22.92
C THR D 11 10.80 5.62 -24.45
N ARG D 12 11.31 4.55 -25.08
CA ARG D 12 11.28 4.41 -26.52
C ARG D 12 11.05 2.97 -26.91
N THR D 13 10.24 2.79 -27.95
CA THR D 13 10.11 1.54 -28.66
C THR D 13 11.35 1.35 -29.53
N VAL D 14 11.85 0.12 -29.56
CA VAL D 14 13.09 -0.18 -30.26
C VAL D 14 12.97 -1.54 -30.96
N ALA D 15 13.94 -1.84 -31.82
CA ALA D 15 14.06 -3.15 -32.46
C ALA D 15 12.77 -3.59 -33.18
N GLY D 16 12.14 -2.65 -33.87
CA GLY D 16 10.95 -2.92 -34.68
C GLY D 16 9.67 -3.11 -33.88
N GLY D 17 9.67 -2.65 -32.63
CA GLY D 17 8.47 -2.74 -31.78
C GLY D 17 8.50 -3.86 -30.75
N ARG D 18 9.51 -4.73 -30.86
CA ARG D 18 9.61 -5.89 -29.98
C ARG D 18 9.90 -5.54 -28.52
N TYR D 19 10.78 -4.56 -28.31
CA TYR D 19 11.23 -4.19 -26.97
C TYR D 19 10.96 -2.72 -26.67
N THR D 20 11.03 -2.36 -25.38
CA THR D 20 10.98 -0.97 -24.93
C THR D 20 12.21 -0.66 -24.06
N VAL D 21 12.77 0.53 -24.20
CA VAL D 21 13.89 0.96 -23.37
C VAL D 21 13.41 2.15 -22.54
N SER D 22 13.62 2.10 -21.23
CA SER D 22 13.11 3.13 -20.33
C SER D 22 14.21 3.68 -19.44
N ASN D 23 14.17 4.98 -19.20
CA ASN D 23 15.07 5.63 -18.26
C ASN D 23 14.76 5.21 -16.82
N ASN D 24 13.47 5.14 -16.49
CA ASN D 24 12.98 4.56 -15.24
C ASN D 24 13.69 5.06 -13.96
N VAL D 25 13.71 6.38 -13.77
CA VAL D 25 14.26 6.96 -12.54
C VAL D 25 13.14 7.02 -11.47
N TRP D 26 12.90 5.88 -10.83
CA TRP D 26 11.71 5.72 -9.99
C TRP D 26 11.92 6.02 -8.51
N GLY D 27 13.18 5.96 -8.07
CA GLY D 27 13.49 6.10 -6.65
C GLY D 27 14.26 7.34 -6.25
N ALA D 28 14.35 8.32 -7.15
CA ALA D 28 15.05 9.58 -6.85
C ALA D 28 14.71 10.68 -7.87
N GLU D 29 15.18 11.90 -7.59
CA GLU D 29 14.96 13.06 -8.47
C GLU D 29 16.24 13.45 -9.19
N THR D 30 17.28 12.65 -9.04
CA THR D 30 18.59 12.99 -9.58
C THR D 30 18.67 12.70 -11.08
N ALA D 31 19.52 13.46 -11.77
CA ALA D 31 19.61 13.42 -13.22
C ALA D 31 20.20 12.13 -13.78
N GLN D 32 19.61 11.66 -14.87
CA GLN D 32 20.11 10.50 -15.59
C GLN D 32 19.78 10.62 -17.07
N CYS D 33 20.79 10.38 -17.91
CA CYS D 33 20.58 10.23 -19.36
C CYS D 33 21.06 8.89 -19.84
N ILE D 34 20.33 8.31 -20.80
CA ILE D 34 20.80 7.14 -21.52
C ILE D 34 20.80 7.41 -23.03
N GLU D 35 21.69 6.75 -23.75
CA GLU D 35 21.70 6.84 -25.20
C GLU D 35 21.29 5.50 -25.80
N VAL D 36 20.25 5.53 -26.62
CA VAL D 36 19.61 4.32 -27.12
C VAL D 36 19.79 4.15 -28.63
N GLY D 37 20.23 2.96 -29.04
CA GLY D 37 20.20 2.57 -30.44
C GLY D 37 18.80 2.06 -30.77
N LEU D 38 18.09 2.79 -31.63
CA LEU D 38 16.71 2.46 -31.99
C LEU D 38 16.53 1.10 -32.67
N GLU D 39 17.54 0.65 -33.41
CA GLU D 39 17.41 -0.61 -34.17
C GLU D 39 17.70 -1.84 -33.32
N THR D 40 18.65 -1.71 -32.39
CA THR D 40 19.06 -2.84 -31.56
C THR D 40 18.46 -2.79 -30.15
N GLY D 41 18.18 -1.58 -29.67
CA GLY D 41 17.81 -1.38 -28.27
C GLY D 41 19.01 -1.27 -27.33
N ASN D 42 20.23 -1.37 -27.88
CA ASN D 42 21.45 -1.21 -27.07
C ASN D 42 21.42 0.17 -26.41
N PHE D 43 21.91 0.26 -25.18
CA PHE D 43 21.98 1.57 -24.52
C PHE D 43 23.22 1.77 -23.65
N THR D 44 23.61 3.05 -23.52
CA THR D 44 24.72 3.47 -22.66
C THR D 44 24.21 4.51 -21.68
N ILE D 45 24.53 4.32 -20.41
CA ILE D 45 24.24 5.36 -19.41
C ILE D 45 25.31 6.45 -19.57
N THR D 46 24.87 7.62 -20.03
CA THR D 46 25.81 8.70 -20.34
C THR D 46 25.87 9.71 -19.19
N ARG D 47 24.85 9.71 -18.36
CA ARG D 47 24.81 10.58 -17.19
C ARG D 47 24.02 9.89 -16.09
N ALA D 48 24.52 9.97 -14.85
CA ALA D 48 23.88 9.38 -13.68
C ALA D 48 24.43 10.02 -12.42
N GLU D 49 23.65 10.91 -11.82
CA GLU D 49 24.15 11.66 -10.66
C GLU D 49 23.51 11.19 -9.35
N HIS D 50 23.12 9.91 -9.33
CA HIS D 50 22.43 9.33 -8.18
C HIS D 50 23.34 9.24 -6.97
N ASP D 51 22.77 9.57 -5.81
CA ASP D 51 23.44 9.43 -4.53
C ASP D 51 22.40 8.92 -3.51
N ASN D 52 21.93 7.70 -3.75
CA ASN D 52 20.96 7.05 -2.87
C ASN D 52 21.65 6.21 -1.79
N GLY D 53 20.91 5.88 -0.74
CA GLY D 53 21.45 5.03 0.31
C GLY D 53 21.26 3.56 0.01
N ASN D 54 20.35 2.93 0.75
CA ASN D 54 20.14 1.49 0.63
C ASN D 54 19.08 1.09 -0.38
N ASN D 55 18.35 2.09 -0.89
CA ASN D 55 17.27 1.88 -1.86
C ASN D 55 17.68 2.29 -3.29
N VAL D 56 17.14 1.57 -4.27
CA VAL D 56 17.38 1.81 -5.69
C VAL D 56 16.91 3.22 -6.09
N ALA D 57 17.79 3.95 -6.78
CA ALA D 57 17.46 5.25 -7.36
C ALA D 57 16.77 5.11 -8.72
N ALA D 58 17.27 4.20 -9.55
CA ALA D 58 16.79 4.08 -10.91
C ALA D 58 17.08 2.70 -11.46
N TYR D 59 16.33 2.33 -12.50
CA TYR D 59 16.55 1.05 -13.15
C TYR D 59 16.37 1.17 -14.66
N PRO D 60 17.34 1.82 -15.33
CA PRO D 60 17.25 1.91 -16.78
C PRO D 60 17.27 0.48 -17.32
N ASN D 61 16.36 0.17 -18.24
CA ASN D 61 16.16 -1.20 -18.63
C ASN D 61 15.65 -1.34 -20.05
N ILE D 62 15.87 -2.53 -20.62
CA ILE D 62 15.21 -2.95 -21.83
C ILE D 62 14.19 -4.02 -21.44
N GLN D 63 12.96 -3.90 -21.93
CA GLN D 63 11.85 -4.75 -21.52
C GLN D 63 11.20 -5.52 -22.69
N PHE D 64 10.89 -6.78 -22.43
CA PHE D 64 10.03 -7.56 -23.29
C PHE D 64 8.74 -7.87 -22.54
N ALA D 65 7.65 -7.23 -22.95
CA ALA D 65 6.33 -7.55 -22.40
C ALA D 65 5.73 -8.71 -23.21
N ILE D 66 5.32 -9.76 -22.52
CA ILE D 66 4.74 -10.94 -23.16
C ILE D 66 3.44 -10.52 -23.86
N PRO D 67 3.41 -10.67 -25.21
CA PRO D 67 2.32 -10.18 -26.05
C PRO D 67 0.97 -10.84 -25.77
N GLN D 68 0.97 -12.16 -25.58
CA GLN D 68 -0.24 -12.90 -25.23
C GLN D 68 -0.06 -13.54 -23.85
N PRO D 69 -1.09 -13.44 -23.00
CA PRO D 69 -0.96 -13.86 -21.59
C PRO D 69 -0.65 -15.35 -21.44
N ARG D 70 0.38 -15.68 -20.67
CA ARG D 70 0.78 -17.07 -20.50
C ARG D 70 1.09 -17.44 -19.05
N ARG D 71 0.45 -18.50 -18.57
CA ARG D 71 0.73 -19.04 -17.25
C ARG D 71 2.08 -19.77 -17.21
N VAL D 72 2.72 -19.79 -16.05
CA VAL D 72 3.99 -20.49 -15.87
C VAL D 72 3.89 -21.95 -16.34
N GLN D 73 2.77 -22.60 -16.01
CA GLN D 73 2.53 -24.00 -16.40
C GLN D 73 2.35 -24.22 -17.91
N GLU D 74 2.21 -23.14 -18.67
CA GLU D 74 2.02 -23.23 -20.12
C GLU D 74 3.31 -22.92 -20.89
N LEU D 75 4.36 -22.59 -20.15
CA LEU D 75 5.66 -22.25 -20.74
C LEU D 75 6.43 -23.51 -21.10
N SER D 76 6.99 -23.50 -22.30
CA SER D 76 7.80 -24.60 -22.78
C SER D 76 9.28 -24.27 -22.68
N ASP D 77 9.66 -23.10 -23.19
CA ASP D 77 11.06 -22.70 -23.27
C ASP D 77 11.15 -21.17 -23.12
N VAL D 78 12.01 -20.71 -22.22
CA VAL D 78 12.28 -19.27 -22.08
C VAL D 78 13.78 -19.04 -22.08
N ARG D 79 14.29 -18.43 -23.14
CA ARG D 79 15.73 -18.21 -23.29
C ARG D 79 16.05 -16.74 -23.41
N THR D 80 17.24 -16.35 -22.97
CA THR D 80 17.69 -14.97 -23.12
C THR D 80 19.19 -14.85 -23.36
N SER D 81 19.56 -13.83 -24.13
CA SER D 81 20.96 -13.43 -24.32
C SER D 81 21.12 -11.95 -24.03
N TRP D 82 22.29 -11.58 -23.54
CA TRP D 82 22.59 -10.21 -23.14
C TRP D 82 24.08 -10.05 -22.90
N THR D 83 24.60 -8.89 -23.31
CA THR D 83 25.98 -8.52 -23.05
CA THR D 83 25.98 -8.52 -23.04
C THR D 83 26.00 -7.19 -22.32
N LEU D 84 26.74 -7.15 -21.21
CA LEU D 84 26.85 -5.93 -20.41
C LEU D 84 28.30 -5.52 -20.32
N THR D 85 28.51 -4.21 -20.22
CA THR D 85 29.85 -3.67 -19.97
C THR D 85 29.87 -2.98 -18.61
N PRO D 86 30.62 -3.56 -17.65
CA PRO D 86 30.70 -3.05 -16.29
C PRO D 86 31.63 -1.84 -16.16
N ILE D 87 31.46 -1.09 -15.08
CA ILE D 87 32.37 -0.01 -14.74
C ILE D 87 32.96 -0.31 -13.37
N THR D 88 33.99 0.45 -12.99
CA THR D 88 34.71 0.20 -11.75
C THR D 88 34.27 1.08 -10.58
N THR D 89 33.41 2.07 -10.84
CA THR D 89 32.96 2.99 -9.80
C THR D 89 31.45 2.86 -9.52
N GLY D 90 30.99 3.60 -8.52
CA GLY D 90 29.57 3.69 -8.20
C GLY D 90 29.06 2.44 -7.50
N ARG D 91 27.78 2.48 -7.12
CA ARG D 91 27.09 1.34 -6.54
C ARG D 91 25.90 1.00 -7.42
N TRP D 92 25.91 -0.22 -7.97
CA TRP D 92 24.94 -0.65 -8.96
C TRP D 92 25.00 -2.15 -9.10
N ASN D 93 24.00 -2.73 -9.75
CA ASN D 93 24.07 -4.11 -10.20
C ASN D 93 23.56 -4.23 -11.64
N ALA D 94 23.80 -5.40 -12.24
CA ALA D 94 23.22 -5.75 -13.53
C ALA D 94 22.32 -6.93 -13.25
N ALA D 95 21.04 -6.74 -13.54
CA ALA D 95 20.04 -7.68 -13.10
C ALA D 95 18.86 -7.79 -14.05
N TYR D 96 18.46 -9.03 -14.28
CA TYR D 96 17.17 -9.34 -14.87
C TYR D 96 16.09 -9.10 -13.83
N ASP D 97 14.91 -8.72 -14.31
CA ASP D 97 13.75 -8.55 -13.46
C ASP D 97 12.56 -9.13 -14.21
N ILE D 98 11.95 -10.17 -13.65
CA ILE D 98 10.84 -10.87 -14.30
C ILE D 98 9.60 -10.79 -13.40
N PHE D 99 8.49 -10.35 -13.97
CA PHE D 99 7.27 -10.06 -13.19
C PHE D 99 6.21 -11.13 -13.39
N PHE D 100 5.66 -11.64 -12.29
CA PHE D 100 4.57 -12.63 -12.32
C PHE D 100 3.32 -12.08 -11.66
N ALA D 101 2.15 -12.46 -12.15
CA ALA D 101 0.90 -12.10 -11.48
C ALA D 101 -0.17 -13.18 -11.59
N ALA D 102 -0.96 -13.34 -10.54
CA ALA D 102 -2.09 -14.27 -10.51
C ALA D 102 -3.16 -13.81 -11.51
N ASN D 103 -3.36 -12.49 -11.55
CA ASN D 103 -4.42 -11.87 -12.31
C ASN D 103 -3.83 -10.76 -13.16
N PRO D 104 -3.74 -10.96 -14.50
CA PRO D 104 -3.17 -9.91 -15.35
C PRO D 104 -4.11 -8.70 -15.46
N ASN D 105 -5.28 -8.82 -14.83
CA ASN D 105 -6.31 -7.79 -14.95
C ASN D 105 -6.63 -7.01 -13.66
N HIS D 106 -5.98 -7.39 -12.55
CA HIS D 106 -6.13 -6.68 -11.27
C HIS D 106 -5.04 -7.09 -10.29
N VAL D 107 -4.63 -6.15 -9.45
CA VAL D 107 -3.70 -6.45 -8.33
C VAL D 107 -4.22 -7.64 -7.52
N THR D 108 -3.31 -8.51 -7.11
CA THR D 108 -3.62 -9.60 -6.18
C THR D 108 -2.61 -9.58 -5.05
N TYR D 109 -3.09 -9.33 -3.83
CA TYR D 109 -2.26 -9.34 -2.63
C TYR D 109 -1.70 -10.75 -2.38
N SER D 110 -0.37 -10.81 -2.19
CA SER D 110 0.37 -12.07 -2.07
C SER D 110 0.25 -12.97 -3.32
N GLY D 111 -0.22 -12.39 -4.42
CA GLY D 111 -0.43 -13.09 -5.69
C GLY D 111 0.37 -12.43 -6.80
N ASP D 112 1.47 -11.80 -6.40
CA ASP D 112 2.34 -11.08 -7.29
C ASP D 112 3.77 -11.43 -6.88
N ALA D 113 4.68 -11.49 -7.85
CA ALA D 113 6.06 -11.82 -7.55
C ALA D 113 7.03 -11.21 -8.54
N GLU D 114 8.19 -10.83 -8.02
CA GLU D 114 9.28 -10.32 -8.82
C GLU D 114 10.45 -11.28 -8.72
N LEU D 115 10.95 -11.76 -9.85
CA LEU D 115 12.11 -12.66 -9.85
C LEU D 115 13.29 -11.94 -10.51
N MET D 116 14.35 -11.74 -9.73
CA MET D 116 15.55 -11.03 -10.18
C MET D 116 16.72 -11.99 -10.34
N ILE D 117 17.55 -11.75 -11.35
CA ILE D 117 18.78 -12.53 -11.57
C ILE D 117 19.93 -11.55 -11.69
N TRP D 118 20.80 -11.53 -10.69
CA TRP D 118 21.93 -10.59 -10.64
C TRP D 118 23.14 -11.24 -11.27
N LEU D 119 23.67 -10.63 -12.32
CA LEU D 119 24.82 -11.18 -13.03
C LEU D 119 26.16 -10.54 -12.65
N ASN D 120 26.09 -9.32 -12.10
CA ASN D 120 27.27 -8.51 -11.84
C ASN D 120 26.88 -7.38 -10.91
N LYS D 121 27.88 -6.80 -10.24
CA LYS D 121 27.65 -5.65 -9.35
C LYS D 121 28.97 -4.93 -9.01
N ASN D 122 28.85 -3.67 -8.59
CA ASN D 122 29.96 -2.96 -7.96
C ASN D 122 29.49 -2.27 -6.68
N GLY D 123 30.33 -2.27 -5.64
CA GLY D 123 29.99 -1.68 -4.36
C GLY D 123 29.31 -2.66 -3.42
N ASP D 124 28.94 -2.20 -2.23
CA ASP D 124 28.39 -3.07 -1.18
C ASP D 124 26.87 -3.28 -1.31
N VAL D 125 26.43 -3.51 -2.54
CA VAL D 125 25.02 -3.65 -2.86
CA VAL D 125 25.02 -3.64 -2.87
C VAL D 125 24.51 -5.05 -2.57
N MET D 126 23.38 -5.12 -1.87
CA MET D 126 22.75 -6.40 -1.54
C MET D 126 21.25 -6.46 -1.92
N PRO D 127 20.74 -7.68 -2.17
CA PRO D 127 19.31 -7.88 -2.46
C PRO D 127 18.41 -7.61 -1.26
N ILE D 128 17.12 -7.43 -1.51
CA ILE D 128 16.08 -7.40 -0.47
C ILE D 128 15.90 -8.83 0.06
N GLY D 129 15.81 -9.00 1.39
CA GLY D 129 15.57 -10.31 1.99
C GLY D 129 16.75 -10.97 2.65
N SER D 130 16.68 -12.30 2.82
CA SER D 130 17.77 -13.09 3.40
C SER D 130 18.15 -14.28 2.53
N ARG D 131 19.39 -14.74 2.67
CA ARG D 131 19.89 -15.93 1.97
C ARG D 131 19.16 -17.15 2.47
N VAL D 132 18.67 -17.94 1.52
CA VAL D 132 17.77 -19.04 1.80
C VAL D 132 18.43 -20.34 1.38
N ALA D 133 19.27 -20.26 0.35
CA ALA D 133 19.89 -21.41 -0.28
C ALA D 133 20.99 -20.98 -1.23
N THR D 134 21.86 -21.93 -1.56
CA THR D 134 22.74 -21.80 -2.71
C THR D 134 22.30 -22.89 -3.66
N VAL D 135 22.19 -22.56 -4.95
CA VAL D 135 21.70 -23.50 -5.94
C VAL D 135 22.62 -23.48 -7.16
N GLU D 136 22.65 -24.61 -7.88
CA GLU D 136 23.44 -24.73 -9.09
C GLU D 136 22.47 -24.75 -10.27
N LEU D 137 22.50 -23.69 -11.07
CA LEU D 137 21.57 -23.56 -12.19
C LEU D 137 22.26 -23.05 -13.43
N ALA D 138 21.83 -23.56 -14.57
CA ALA D 138 22.27 -23.10 -15.89
C ALA D 138 23.80 -22.88 -15.99
N GLY D 139 24.55 -23.88 -15.52
CA GLY D 139 26.01 -23.86 -15.63
C GLY D 139 26.74 -23.21 -14.46
N ALA D 140 26.06 -22.29 -13.77
CA ALA D 140 26.72 -21.54 -12.68
C ALA D 140 26.13 -21.80 -11.30
N THR D 141 26.65 -21.09 -10.31
CA THR D 141 26.19 -21.20 -8.93
C THR D 141 25.56 -19.86 -8.50
N TRP D 142 24.42 -19.96 -7.80
CA TRP D 142 23.61 -18.78 -7.43
C TRP D 142 23.20 -18.83 -5.98
N GLU D 143 23.34 -17.71 -5.27
CA GLU D 143 22.71 -17.54 -3.98
C GLU D 143 21.24 -17.23 -4.19
N VAL D 144 20.39 -17.78 -3.34
CA VAL D 144 18.96 -17.53 -3.44
C VAL D 144 18.54 -16.66 -2.27
N TRP D 145 18.03 -15.47 -2.59
CA TRP D 145 17.56 -14.53 -1.60
C TRP D 145 16.05 -14.45 -1.70
N TYR D 146 15.38 -14.43 -0.55
CA TYR D 146 13.93 -14.35 -0.54
C TYR D 146 13.42 -13.30 0.43
N ALA D 147 12.50 -12.48 -0.06
CA ALA D 147 11.80 -11.52 0.79
C ALA D 147 10.30 -11.68 0.61
N ASP D 148 9.63 -11.93 1.73
CA ASP D 148 8.18 -11.88 1.80
C ASP D 148 7.84 -10.42 2.08
N ASN D 149 7.78 -9.63 1.01
CA ASN D 149 7.63 -8.19 1.10
C ASN D 149 6.17 -7.75 1.06
N GLY D 150 5.36 -8.35 1.94
CA GLY D 150 3.94 -8.05 2.04
C GLY D 150 3.12 -8.49 0.84
N ALA D 151 2.73 -7.51 0.00
CA ALA D 151 1.88 -7.74 -1.16
C ALA D 151 2.56 -8.47 -2.31
N MET D 152 3.90 -8.54 -2.27
CA MET D 152 4.70 -9.06 -3.38
C MET D 152 5.94 -9.83 -2.92
N ASN D 153 6.08 -11.05 -3.42
CA ASN D 153 7.27 -11.84 -3.17
C ASN D 153 8.43 -11.33 -4.03
N VAL D 154 9.64 -11.34 -3.48
CA VAL D 154 10.82 -10.94 -4.25
C VAL D 154 11.87 -12.02 -4.12
N ILE D 155 12.21 -12.65 -5.24
CA ILE D 155 13.20 -13.71 -5.28
C ILE D 155 14.41 -13.24 -6.09
N SER D 156 15.60 -13.34 -5.50
CA SER D 156 16.82 -12.93 -6.19
C SER D 156 17.81 -14.09 -6.28
N TYR D 157 18.29 -14.35 -7.49
CA TYR D 157 19.40 -15.26 -7.72
C TYR D 157 20.62 -14.39 -8.03
N VAL D 158 21.63 -14.50 -7.17
CA VAL D 158 22.85 -13.71 -7.31
C VAL D 158 23.98 -14.66 -7.68
N ARG D 159 24.55 -14.45 -8.86
CA ARG D 159 25.65 -15.29 -9.34
C ARG D 159 26.85 -15.17 -8.39
N THR D 160 27.39 -16.31 -7.94
CA THR D 160 28.50 -16.29 -6.97
C THR D 160 29.78 -15.74 -7.60
N THR D 161 29.86 -15.84 -8.92
CA THR D 161 30.93 -15.24 -9.71
C THR D 161 30.29 -14.27 -10.71
N PRO D 162 30.84 -13.04 -10.85
CA PRO D 162 30.33 -12.12 -11.87
C PRO D 162 30.53 -12.64 -13.29
N THR D 163 29.64 -12.24 -14.18
CA THR D 163 29.78 -12.49 -15.60
C THR D 163 29.44 -11.20 -16.34
N THR D 164 29.89 -11.10 -17.59
CA THR D 164 29.62 -9.92 -18.41
C THR D 164 28.72 -10.26 -19.59
N SER D 165 28.37 -11.54 -19.71
CA SER D 165 27.65 -12.01 -20.89
C SER D 165 26.91 -13.30 -20.61
N VAL D 166 25.69 -13.39 -21.13
CA VAL D 166 24.93 -14.64 -21.12
C VAL D 166 24.39 -14.96 -22.52
N THR D 167 24.46 -16.22 -22.89
CA THR D 167 24.03 -16.66 -24.21
C THR D 167 23.05 -17.80 -24.06
N GLU D 168 21.83 -17.60 -24.57
CA GLU D 168 20.76 -18.59 -24.51
C GLU D 168 20.59 -19.13 -23.10
N LEU D 169 20.55 -18.22 -22.12
CA LEU D 169 20.37 -18.57 -20.73
C LEU D 169 18.97 -19.16 -20.51
N ASP D 170 18.89 -20.26 -19.78
CA ASP D 170 17.62 -20.91 -19.51
C ASP D 170 16.91 -20.24 -18.35
N LEU D 171 16.11 -19.23 -18.66
CA LEU D 171 15.30 -18.52 -17.66
C LEU D 171 14.30 -19.44 -16.96
N LYS D 172 13.80 -20.44 -17.67
CA LYS D 172 12.83 -21.37 -17.08
C LYS D 172 13.46 -22.21 -15.95
N ALA D 173 14.77 -22.40 -15.97
CA ALA D 173 15.44 -23.11 -14.90
C ALA D 173 15.21 -22.37 -13.59
N PHE D 174 15.33 -21.05 -13.62
CA PHE D 174 15.14 -20.21 -12.44
C PHE D 174 13.68 -20.23 -11.99
N ILE D 175 12.77 -20.14 -12.96
CA ILE D 175 11.34 -20.17 -12.69
C ILE D 175 10.92 -21.49 -12.03
N ASP D 176 11.36 -22.62 -12.62
CA ASP D 176 11.13 -23.96 -12.06
C ASP D 176 11.63 -24.05 -10.63
N ASP D 177 12.83 -23.56 -10.38
CA ASP D 177 13.38 -23.53 -9.04
C ASP D 177 12.49 -22.77 -8.07
N ALA D 178 12.08 -21.57 -8.45
CA ALA D 178 11.22 -20.73 -7.63
C ALA D 178 9.85 -21.38 -7.40
N VAL D 179 9.32 -22.06 -8.42
CA VAL D 179 8.07 -22.83 -8.31
C VAL D 179 8.22 -23.97 -7.28
N ALA D 180 9.32 -24.72 -7.38
CA ALA D 180 9.58 -25.84 -6.48
C ALA D 180 9.68 -25.41 -5.02
N ARG D 181 10.21 -24.21 -4.79
CA ARG D 181 10.32 -23.65 -3.45
C ARG D 181 9.00 -23.10 -2.91
N GLY D 182 8.02 -22.91 -3.80
CA GLY D 182 6.73 -22.38 -3.40
C GLY D 182 6.65 -20.86 -3.41
N TYR D 183 7.62 -20.22 -4.06
CA TYR D 183 7.65 -18.76 -4.15
C TYR D 183 6.80 -18.22 -5.30
N ILE D 184 6.60 -19.06 -6.32
CA ILE D 184 5.78 -18.72 -7.47
C ILE D 184 4.83 -19.89 -7.70
N ARG D 185 3.58 -19.60 -8.04
CA ARG D 185 2.60 -20.64 -8.37
C ARG D 185 2.56 -20.89 -9.88
N PRO D 186 2.44 -22.17 -10.29
CA PRO D 186 2.41 -22.49 -11.72
C PRO D 186 1.24 -21.87 -12.47
N GLU D 187 0.16 -21.53 -11.76
CA GLU D 187 -1.03 -20.91 -12.39
C GLU D 187 -0.84 -19.41 -12.65
N TRP D 188 0.15 -18.81 -12.00
CA TRP D 188 0.43 -17.38 -12.21
C TRP D 188 0.94 -17.10 -13.61
N TYR D 189 0.68 -15.89 -14.10
CA TYR D 189 1.08 -15.48 -15.45
C TYR D 189 2.45 -14.84 -15.45
N LEU D 190 3.20 -15.10 -16.51
CA LEU D 190 4.45 -14.39 -16.75
C LEU D 190 4.12 -13.15 -17.58
N LEU D 191 4.43 -11.97 -17.04
CA LEU D 191 4.01 -10.71 -17.67
C LEU D 191 5.09 -10.04 -18.52
N SER D 192 6.31 -9.99 -17.97
CA SER D 192 7.42 -9.31 -18.64
C SER D 192 8.78 -9.83 -18.17
N VAL D 193 9.75 -9.68 -19.06
CA VAL D 193 11.14 -9.94 -18.75
C VAL D 193 11.87 -8.67 -19.07
N GLN D 194 12.69 -8.18 -18.14
CA GLN D 194 13.50 -7.02 -18.44
C GLN D 194 14.90 -7.19 -17.87
N THR D 195 15.85 -6.45 -18.43
CA THR D 195 17.18 -6.39 -17.87
C THR D 195 17.74 -4.98 -17.94
N GLY D 196 18.70 -4.70 -17.07
CA GLY D 196 19.28 -3.37 -16.98
C GLY D 196 20.12 -3.28 -15.73
N PHE D 197 20.20 -2.07 -15.18
CA PHE D 197 21.05 -1.79 -14.05
C PHE D 197 20.28 -1.06 -12.97
N GLU D 198 20.24 -1.63 -11.77
CA GLU D 198 19.74 -0.91 -10.62
C GLU D 198 20.85 0.03 -10.17
N LEU D 199 20.60 1.33 -10.24
CA LEU D 199 21.57 2.32 -9.83
C LEU D 199 21.25 2.80 -8.43
N PHE D 200 22.29 2.90 -7.59
CA PHE D 200 22.18 3.43 -6.23
C PHE D 200 23.00 4.70 -6.13
N THR D 201 24.25 4.60 -6.56
CA THR D 201 25.20 5.70 -6.58
C THR D 201 25.88 5.70 -7.97
N GLY D 202 25.74 6.79 -8.71
CA GLY D 202 26.41 6.94 -10.00
C GLY D 202 25.86 5.96 -11.03
N GLY D 203 26.73 5.51 -11.93
CA GLY D 203 26.34 4.57 -13.01
C GLY D 203 26.73 4.92 -14.44
N ALA D 204 27.15 6.16 -14.69
CA ALA D 204 27.58 6.57 -16.05
C ALA D 204 28.67 5.66 -16.62
N GLY D 205 28.48 5.22 -17.86
CA GLY D 205 29.46 4.37 -18.54
C GLY D 205 29.03 2.93 -18.72
N LEU D 206 28.03 2.51 -17.93
CA LEU D 206 27.45 1.17 -18.06
C LEU D 206 26.75 1.03 -19.40
N ARG D 207 26.84 -0.16 -19.99
CA ARG D 207 26.32 -0.39 -21.33
C ARG D 207 25.57 -1.71 -21.42
N SER D 208 24.42 -1.67 -22.09
CA SER D 208 23.59 -2.84 -22.33
C SER D 208 23.57 -3.12 -23.84
N ALA D 209 23.91 -4.34 -24.25
CA ALA D 209 23.93 -4.68 -25.66
C ALA D 209 23.49 -6.10 -25.96
N ASP D 210 22.97 -6.31 -27.18
CA ASP D 210 22.71 -7.63 -27.74
C ASP D 210 21.65 -8.38 -26.97
N PHE D 211 20.58 -7.67 -26.61
CA PHE D 211 19.49 -8.26 -25.82
C PHE D 211 18.49 -8.98 -26.71
N SER D 212 18.14 -10.20 -26.33
CA SER D 212 17.00 -10.90 -26.92
C SER D 212 16.33 -11.81 -25.92
N VAL D 213 15.02 -11.99 -26.08
CA VAL D 213 14.24 -12.94 -25.29
C VAL D 213 13.38 -13.74 -26.28
N THR D 214 13.31 -15.06 -26.08
CA THR D 214 12.39 -15.90 -26.82
C THR D 214 11.52 -16.64 -25.82
N VAL D 215 10.21 -16.58 -26.03
CA VAL D 215 9.26 -17.24 -25.14
C VAL D 215 8.46 -18.22 -25.97
N GLN D 216 8.63 -19.50 -25.68
CA GLN D 216 7.82 -20.56 -26.28
C GLN D 216 7.01 -21.25 -25.19
#